data_5VXN
#
_entry.id   5VXN
#
_cell.length_a   74.116
_cell.length_b   113.231
_cell.length_c   76.868
_cell.angle_alpha   90.00
_cell.angle_beta   115.37
_cell.angle_gamma   90.00
#
_symmetry.space_group_name_H-M   'P 1 21 1'
#
loop_
_entity.id
_entity.type
_entity.pdbx_description
1 polymer 'Transcriptional regulatory protein RcsB'
2 polymer "DNA (5'-D(*TP*TP*TP*AP*GP*GP*AP*AP*AP*AP*AP*TP*CP*TP*TP*AP*GP*A)-3')"
3 polymer "DNA (5'-D(*GP*AP*TP*TP*TP*AP*GP*GP*AP*AP*AP*AP*AP*TP*CP*TP*TP*AP*GP*AP*TP*A)-3')"
4 water water
#
loop_
_entity_poly.entity_id
_entity_poly.type
_entity_poly.pdbx_seq_one_letter_code
_entity_poly.pdbx_strand_id
1 'polypeptide(L)'
;MNNMNVIIADDHPIVLFGIRKSLEQIEWVNVVGEFEDSTALINNLPKLDAHVLITDLSMPGDKYGDGITLIKYIKRHFPS
LSIIVLTMNNNPAILSAVLDLDIEGIVLKQGAPTDLPKALAALQKGKKFTPESVSRLLEKISAGGYGDKRLSPKESEVLR
LFAEGFLVTEIAKKLNRSIKTISSQKKSAMMKLGVENDIALLNYLSSVTLSPADKD
;
A,B,C,D
2 'polydeoxyribonucleotide' (DT)(DT)(DT)(DA)(DG)(DG)(DA)(DA)(DA)(DA)(DA)(DT)(DC)(DT)(DT)(DA)(DG)(DA) E,G
3 'polydeoxyribonucleotide' (DT)(DC)(DT)(DA)(DA)(DG)(DA)(DT)(DT)(DT)(DT)(DT)(DC)(DC)(DT)(DA)(DA)(DA) F,H
#
# COMPACT_ATOMS: atom_id res chain seq x y z
N ASN A 2 3.28 -19.61 -30.43
CA ASN A 2 4.49 -18.91 -30.82
C ASN A 2 4.53 -17.52 -30.18
N ASN A 3 3.35 -16.91 -30.04
CA ASN A 3 3.26 -15.58 -29.44
C ASN A 3 3.45 -15.69 -27.93
N MET A 4 3.48 -14.53 -27.26
CA MET A 4 3.71 -14.48 -25.82
C MET A 4 3.23 -13.15 -25.30
N ASN A 5 2.35 -13.17 -24.31
CA ASN A 5 1.80 -11.95 -23.72
C ASN A 5 2.61 -11.54 -22.50
N VAL A 6 2.90 -10.24 -22.40
CA VAL A 6 3.68 -9.71 -21.30
C VAL A 6 2.91 -8.57 -20.65
N ILE A 7 3.18 -8.38 -19.36
CA ILE A 7 2.62 -7.29 -18.57
C ILE A 7 3.78 -6.56 -17.90
N ILE A 8 3.85 -5.25 -18.08
CA ILE A 8 4.92 -4.44 -17.53
C ILE A 8 4.43 -3.75 -16.26
N ALA A 9 5.29 -3.67 -15.26
CA ALA A 9 4.93 -3.08 -13.97
C ALA A 9 6.12 -2.30 -13.43
N ASP A 10 6.00 -0.97 -13.40
CA ASP A 10 7.04 -0.12 -12.86
C ASP A 10 6.43 1.23 -12.52
N ASP A 11 6.89 1.83 -11.41
CA ASP A 11 6.35 3.11 -10.98
C ASP A 11 6.94 4.30 -11.72
N HIS A 12 7.95 4.09 -12.57
CA HIS A 12 8.50 5.16 -13.39
C HIS A 12 7.85 5.13 -14.76
N PRO A 13 6.97 6.07 -15.09
CA PRO A 13 6.33 6.05 -16.41
C PRO A 13 7.32 6.22 -17.56
N ILE A 14 8.45 6.91 -17.34
CA ILE A 14 9.46 7.03 -18.38
C ILE A 14 10.13 5.67 -18.62
N VAL A 15 10.42 4.93 -17.55
CA VAL A 15 10.96 3.59 -17.69
C VAL A 15 9.93 2.68 -18.34
N LEU A 16 8.66 2.83 -17.96
CA LEU A 16 7.60 2.05 -18.60
C LEU A 16 7.58 2.30 -20.10
N PHE A 17 7.72 3.56 -20.51
CA PHE A 17 7.75 3.90 -21.93
C PHE A 17 8.96 3.27 -22.61
N GLY A 18 10.13 3.34 -21.98
CA GLY A 18 11.32 2.73 -22.57
C GLY A 18 11.20 1.23 -22.74
N ILE A 19 10.63 0.55 -21.73
CA ILE A 19 10.44 -0.90 -21.83
C ILE A 19 9.43 -1.23 -22.91
N ARG A 20 8.36 -0.43 -23.01
CA ARG A 20 7.38 -0.66 -24.07
C ARG A 20 8.01 -0.54 -25.45
N LYS A 21 8.78 0.53 -25.68
CA LYS A 21 9.43 0.69 -26.97
C LYS A 21 10.51 -0.35 -27.19
N SER A 22 11.11 -0.88 -26.13
CA SER A 22 12.11 -1.93 -26.30
C SER A 22 11.48 -3.27 -26.64
N LEU A 23 10.26 -3.51 -26.15
CA LEU A 23 9.54 -4.73 -26.49
C LEU A 23 8.83 -4.64 -27.83
N GLU A 24 8.55 -3.43 -28.31
CA GLU A 24 8.00 -3.29 -29.65
C GLU A 24 8.94 -3.86 -30.70
N GLN A 25 10.25 -3.86 -30.43
CA GLN A 25 11.24 -4.40 -31.35
C GLN A 25 11.01 -5.87 -31.66
N ILE A 26 10.30 -6.59 -30.80
CA ILE A 26 10.05 -8.01 -30.96
C ILE A 26 8.59 -8.20 -31.31
N GLU A 27 8.32 -8.86 -32.44
CA GLU A 27 6.95 -8.98 -32.93
C GLU A 27 6.18 -10.12 -32.26
N TRP A 28 6.85 -11.15 -31.77
CA TRP A 28 6.16 -12.23 -31.07
C TRP A 28 5.90 -11.92 -29.60
N VAL A 29 6.15 -10.68 -29.17
CA VAL A 29 5.84 -10.20 -27.83
C VAL A 29 4.63 -9.28 -27.93
N ASN A 30 3.68 -9.48 -27.02
CA ASN A 30 2.41 -8.74 -27.02
C ASN A 30 2.23 -8.09 -25.65
N VAL A 31 2.45 -6.79 -25.57
CA VAL A 31 2.24 -6.04 -24.34
C VAL A 31 0.73 -5.92 -24.13
N VAL A 32 0.20 -6.64 -23.13
CA VAL A 32 -1.23 -6.67 -22.89
C VAL A 32 -1.65 -5.73 -21.76
N GLY A 33 -0.73 -4.92 -21.24
CA GLY A 33 -1.07 -3.97 -20.21
C GLY A 33 0.09 -3.49 -19.37
N GLU A 34 0.11 -2.20 -19.06
CA GLU A 34 1.08 -1.61 -18.17
C GLU A 34 0.39 -1.14 -16.88
N PHE A 35 1.11 -1.23 -15.76
CA PHE A 35 0.55 -0.87 -14.47
C PHE A 35 1.63 -0.21 -13.63
N GLU A 36 1.22 0.76 -12.82
CA GLU A 36 2.13 1.53 -11.99
C GLU A 36 1.95 1.25 -10.49
N ASP A 37 1.06 0.35 -10.12
CA ASP A 37 0.89 -0.04 -8.72
C ASP A 37 0.35 -1.46 -8.66
N SER A 38 0.59 -2.11 -7.52
CA SER A 38 0.22 -3.52 -7.40
C SER A 38 -1.29 -3.71 -7.27
N THR A 39 -1.98 -2.76 -6.64
CA THR A 39 -3.43 -2.88 -6.46
C THR A 39 -4.14 -2.98 -7.81
N ALA A 40 -3.74 -2.15 -8.78
CA ALA A 40 -4.32 -2.24 -10.11
C ALA A 40 -3.76 -3.42 -10.90
N LEU A 41 -2.57 -3.90 -10.54
CA LEU A 41 -1.97 -5.03 -11.25
C LEU A 41 -2.72 -6.33 -10.94
N ILE A 42 -3.00 -6.57 -9.66
CA ILE A 42 -3.65 -7.83 -9.28
C ILE A 42 -5.09 -7.87 -9.75
N ASN A 43 -5.77 -6.72 -9.75
CA ASN A 43 -7.17 -6.69 -10.14
C ASN A 43 -7.34 -6.98 -11.63
N ASN A 44 -6.32 -6.67 -12.43
CA ASN A 44 -6.36 -6.91 -13.86
C ASN A 44 -5.60 -8.17 -14.27
N LEU A 45 -5.05 -8.90 -13.31
CA LEU A 45 -4.29 -10.11 -13.66
C LEU A 45 -5.18 -11.22 -14.19
N PRO A 46 -6.31 -11.56 -13.57
CA PRO A 46 -7.16 -12.61 -14.17
C PRO A 46 -7.88 -12.17 -15.44
N LYS A 47 -8.12 -10.86 -15.62
CA LYS A 47 -8.84 -10.40 -16.80
C LYS A 47 -8.04 -10.57 -18.07
N LEU A 48 -6.71 -10.60 -17.96
CA LEU A 48 -5.83 -10.78 -19.11
C LEU A 48 -5.09 -12.10 -18.95
N ASP A 49 -5.31 -13.03 -19.88
CA ASP A 49 -4.49 -14.23 -19.92
C ASP A 49 -3.11 -13.85 -20.45
N ALA A 50 -2.10 -14.03 -19.62
CA ALA A 50 -0.76 -13.55 -19.91
C ALA A 50 0.26 -14.65 -19.61
N HIS A 51 1.46 -14.45 -20.12
CA HIS A 51 2.55 -15.42 -19.99
C HIS A 51 3.71 -14.90 -19.15
N VAL A 52 4.12 -13.65 -19.32
CA VAL A 52 5.31 -13.11 -18.67
C VAL A 52 4.97 -11.78 -18.02
N LEU A 53 5.53 -11.55 -16.84
CA LEU A 53 5.38 -10.31 -16.08
C LEU A 53 6.76 -9.71 -15.82
N ILE A 54 7.02 -8.57 -16.44
CA ILE A 54 8.27 -7.84 -16.27
C ILE A 54 8.03 -6.76 -15.21
N THR A 55 8.70 -6.88 -14.06
CA THR A 55 8.37 -6.02 -12.94
C THR A 55 9.62 -5.56 -12.21
N ASP A 56 9.45 -4.49 -11.44
CA ASP A 56 10.47 -3.97 -10.53
C ASP A 56 10.11 -4.36 -9.10
N LEU A 57 11.04 -4.09 -8.18
CA LEU A 57 10.84 -4.44 -6.78
C LEU A 57 9.96 -3.41 -6.07
N SER A 58 10.31 -2.13 -6.18
CA SER A 58 9.57 -1.07 -5.51
C SER A 58 8.31 -0.74 -6.30
N MET A 59 7.14 -0.89 -5.66
CA MET A 59 5.86 -0.62 -6.30
C MET A 59 4.96 0.05 -5.27
N PRO A 60 4.29 1.21 -5.64
CA PRO A 60 3.43 1.92 -4.68
C PRO A 60 2.07 1.24 -4.49
N GLY A 61 2.10 0.06 -3.91
CA GLY A 61 0.88 -0.68 -3.61
C GLY A 61 0.78 -1.07 -2.16
N ASP A 62 -0.28 -0.60 -1.48
CA ASP A 62 -0.43 -0.86 -0.05
C ASP A 62 -1.20 -2.14 0.25
N LYS A 63 -2.14 -2.53 -0.62
CA LYS A 63 -2.97 -3.69 -0.33
C LYS A 63 -2.23 -4.99 -0.58
N TYR A 64 -1.52 -5.09 -1.71
CA TYR A 64 -0.78 -6.30 -2.05
C TYR A 64 0.72 -6.17 -1.86
N GLY A 65 1.21 -5.01 -1.47
CA GLY A 65 2.63 -4.85 -1.20
C GLY A 65 3.45 -4.76 -2.48
N ASP A 66 4.75 -4.95 -2.30
CA ASP A 66 5.70 -4.89 -3.41
C ASP A 66 6.94 -5.71 -3.04
N GLY A 67 7.80 -5.91 -4.03
CA GLY A 67 9.02 -6.65 -3.80
C GLY A 67 8.73 -8.11 -3.49
N ILE A 68 9.47 -8.66 -2.52
CA ILE A 68 9.32 -10.06 -2.15
C ILE A 68 7.85 -10.38 -1.86
N THR A 69 7.22 -9.58 -0.99
CA THR A 69 5.84 -9.81 -0.62
C THR A 69 4.93 -9.92 -1.83
N LEU A 70 5.22 -9.17 -2.89
CA LEU A 70 4.42 -9.26 -4.10
C LEU A 70 4.68 -10.57 -4.84
N ILE A 71 5.95 -10.92 -5.03
CA ILE A 71 6.30 -12.12 -5.79
C ILE A 71 5.68 -13.34 -5.13
N LYS A 72 5.89 -13.49 -3.81
CA LYS A 72 5.30 -14.60 -3.07
C LYS A 72 3.81 -14.71 -3.32
N TYR A 73 3.13 -13.57 -3.49
CA TYR A 73 1.70 -13.62 -3.78
C TYR A 73 1.46 -14.12 -5.20
N ILE A 74 2.16 -13.53 -6.18
CA ILE A 74 1.90 -13.86 -7.57
C ILE A 74 2.27 -15.31 -7.86
N LYS A 75 3.31 -15.82 -7.20
CA LYS A 75 3.65 -17.23 -7.34
C LYS A 75 2.60 -18.14 -6.69
N ARG A 76 1.93 -17.65 -5.64
CA ARG A 76 0.95 -18.49 -4.95
C ARG A 76 -0.44 -18.41 -5.59
N HIS A 77 -0.82 -17.26 -6.15
CA HIS A 77 -2.15 -17.09 -6.70
C HIS A 77 -2.21 -17.32 -8.21
N PHE A 78 -1.12 -17.06 -8.93
CA PHE A 78 -1.05 -17.26 -10.37
C PHE A 78 0.17 -18.11 -10.69
N PRO A 79 0.10 -19.42 -10.43
CA PRO A 79 1.28 -20.28 -10.68
C PRO A 79 1.65 -20.40 -12.14
N SER A 80 0.68 -20.26 -13.05
CA SER A 80 0.94 -20.36 -14.49
C SER A 80 1.45 -19.05 -15.09
N LEU A 81 2.36 -18.37 -14.40
CA LEU A 81 2.85 -17.07 -14.84
C LEU A 81 4.35 -16.99 -14.64
N SER A 82 5.07 -16.66 -15.70
CA SER A 82 6.50 -16.41 -15.60
C SER A 82 6.76 -14.99 -15.15
N ILE A 83 7.83 -14.81 -14.38
CA ILE A 83 8.15 -13.52 -13.77
C ILE A 83 9.60 -13.17 -14.11
N ILE A 84 9.78 -12.07 -14.82
CA ILE A 84 11.08 -11.46 -15.05
C ILE A 84 11.16 -10.21 -14.19
N VAL A 85 12.11 -10.20 -13.26
CA VAL A 85 12.32 -9.08 -12.35
C VAL A 85 13.48 -8.26 -12.88
N LEU A 86 13.18 -7.09 -13.44
CA LEU A 86 14.20 -6.12 -13.81
C LEU A 86 14.23 -5.05 -12.72
N THR A 87 15.44 -4.74 -12.24
CA THR A 87 15.59 -3.87 -11.09
C THR A 87 16.72 -2.89 -11.33
N MET A 88 16.77 -1.86 -10.49
CA MET A 88 17.78 -0.81 -10.59
C MET A 88 18.92 -0.97 -9.60
N ASN A 89 18.67 -1.61 -8.46
CA ASN A 89 19.68 -1.72 -7.42
C ASN A 89 20.61 -2.89 -7.68
N ASN A 90 21.83 -2.77 -7.14
CA ASN A 90 22.84 -3.82 -7.28
C ASN A 90 23.22 -4.36 -5.91
N ASN A 91 22.23 -4.79 -5.13
CA ASN A 91 22.47 -5.37 -3.81
C ASN A 91 22.55 -6.88 -3.96
N PRO A 92 23.71 -7.50 -3.75
CA PRO A 92 23.82 -8.95 -3.93
C PRO A 92 22.88 -9.75 -3.03
N ALA A 93 22.68 -9.30 -1.80
CA ALA A 93 21.82 -10.03 -0.87
C ALA A 93 20.35 -9.94 -1.27
N ILE A 94 19.91 -8.74 -1.70
CA ILE A 94 18.53 -8.58 -2.14
C ILE A 94 18.28 -9.40 -3.40
N LEU A 95 19.15 -9.26 -4.40
CA LEU A 95 18.99 -10.05 -5.62
C LEU A 95 19.01 -11.54 -5.33
N SER A 96 19.89 -11.98 -4.42
CA SER A 96 19.92 -13.38 -4.04
C SER A 96 18.61 -13.82 -3.43
N ALA A 97 18.07 -13.02 -2.49
CA ALA A 97 16.78 -13.33 -1.89
C ALA A 97 15.67 -13.36 -2.94
N VAL A 98 15.82 -12.61 -4.03
CA VAL A 98 14.84 -12.67 -5.11
C VAL A 98 15.00 -13.96 -5.89
N LEU A 99 16.24 -14.34 -6.22
CA LEU A 99 16.45 -15.56 -6.98
C LEU A 99 16.06 -16.81 -6.20
N ASP A 100 16.09 -16.75 -4.87
CA ASP A 100 15.66 -17.88 -4.06
C ASP A 100 14.14 -18.03 -4.01
N LEU A 101 13.41 -17.33 -4.87
CA LEU A 101 11.96 -17.48 -4.98
C LEU A 101 11.54 -18.12 -6.29
N ASP A 102 12.49 -18.65 -7.05
CA ASP A 102 12.23 -19.27 -8.35
C ASP A 102 11.53 -18.30 -9.30
N ILE A 103 12.30 -17.37 -9.88
CA ILE A 103 11.81 -16.49 -10.92
C ILE A 103 12.44 -16.90 -12.24
N GLU A 104 11.76 -16.58 -13.33
CA GLU A 104 12.17 -17.02 -14.66
C GLU A 104 13.26 -16.16 -15.27
N GLY A 105 13.90 -15.31 -14.49
CA GLY A 105 14.98 -14.48 -14.98
C GLY A 105 15.03 -13.14 -14.26
N ILE A 106 16.25 -12.59 -14.19
CA ILE A 106 16.49 -11.30 -13.56
C ILE A 106 17.42 -10.49 -14.46
N VAL A 107 17.16 -9.20 -14.59
CA VAL A 107 17.88 -8.34 -15.52
C VAL A 107 18.17 -7.00 -14.83
N LEU A 108 19.44 -6.62 -14.77
CA LEU A 108 19.78 -5.30 -14.27
C LEU A 108 19.42 -4.24 -15.32
N LYS A 109 18.97 -3.08 -14.84
CA LYS A 109 18.64 -1.99 -15.75
C LYS A 109 19.89 -1.36 -16.37
N GLN A 110 21.06 -1.59 -15.78
CA GLN A 110 22.30 -1.06 -16.33
C GLN A 110 22.95 -2.09 -17.24
N GLY A 111 23.42 -1.62 -18.40
CA GLY A 111 24.14 -2.49 -19.32
C GLY A 111 23.31 -3.64 -19.85
N ALA A 112 22.03 -3.40 -20.13
CA ALA A 112 21.14 -4.42 -20.69
C ALA A 112 20.32 -3.85 -21.84
N PRO A 113 20.97 -3.43 -22.93
CA PRO A 113 20.20 -2.99 -24.10
C PRO A 113 19.71 -4.16 -24.92
N THR A 114 20.42 -5.29 -24.82
CA THR A 114 20.06 -6.52 -25.51
C THR A 114 19.86 -7.70 -24.57
N ASP A 115 20.04 -7.51 -23.26
CA ASP A 115 19.95 -8.63 -22.33
C ASP A 115 18.51 -9.06 -22.09
N LEU A 116 17.60 -8.10 -21.96
CA LEU A 116 16.20 -8.45 -21.71
C LEU A 116 15.57 -9.21 -22.87
N PRO A 117 15.75 -8.81 -24.14
CA PRO A 117 15.30 -9.69 -25.23
C PRO A 117 15.98 -11.06 -25.22
N LYS A 118 17.22 -11.13 -24.73
CA LYS A 118 17.88 -12.42 -24.60
C LYS A 118 17.18 -13.31 -23.58
N ALA A 119 16.74 -12.72 -22.46
CA ALA A 119 16.00 -13.51 -21.47
C ALA A 119 14.63 -13.92 -22.00
N LEU A 120 13.93 -12.99 -22.66
CA LEU A 120 12.64 -13.32 -23.25
C LEU A 120 12.77 -14.46 -24.26
N ALA A 121 13.82 -14.44 -25.08
CA ALA A 121 14.07 -15.54 -25.99
C ALA A 121 14.50 -16.79 -25.25
N ALA A 122 15.09 -16.64 -24.06
CA ALA A 122 15.46 -17.81 -23.27
C ALA A 122 14.24 -18.49 -22.68
N LEU A 123 13.17 -17.74 -22.43
CA LEU A 123 11.93 -18.37 -21.98
C LEU A 123 11.26 -19.20 -23.08
N GLN A 124 11.71 -19.08 -24.33
CA GLN A 124 11.15 -19.90 -25.40
C GLN A 124 11.55 -21.37 -25.25
N LYS A 125 12.82 -21.62 -24.91
CA LYS A 125 13.32 -22.97 -24.72
C LYS A 125 13.00 -23.53 -23.34
N GLY A 126 12.26 -22.78 -22.52
CA GLY A 126 12.00 -23.21 -21.17
C GLY A 126 13.18 -23.09 -20.24
N LYS A 127 14.13 -22.23 -20.57
CA LYS A 127 15.34 -22.05 -19.78
C LYS A 127 15.34 -20.68 -19.11
N LYS A 128 16.11 -20.56 -18.04
CA LYS A 128 16.32 -19.29 -17.37
C LYS A 128 17.52 -18.58 -17.99
N PHE A 129 17.60 -17.27 -17.78
CA PHE A 129 18.73 -16.49 -18.26
C PHE A 129 19.11 -15.45 -17.22
N THR A 130 20.25 -15.65 -16.56
CA THR A 130 20.84 -14.65 -15.69
C THR A 130 22.14 -14.18 -16.33
N PRO A 131 22.21 -12.96 -16.87
CA PRO A 131 23.40 -12.53 -17.62
C PRO A 131 24.65 -12.41 -16.76
N GLU A 132 25.74 -11.97 -17.38
CA GLU A 132 27.04 -11.95 -16.71
C GLU A 132 27.04 -10.98 -15.52
N SER A 133 26.32 -9.87 -15.63
CA SER A 133 26.28 -8.91 -14.54
C SER A 133 25.67 -9.51 -13.28
N VAL A 134 24.60 -10.30 -13.44
CA VAL A 134 23.97 -10.95 -12.30
C VAL A 134 24.93 -11.94 -11.65
N SER A 135 25.64 -12.71 -12.47
CA SER A 135 26.61 -13.66 -11.92
C SER A 135 27.72 -12.94 -11.17
N ARG A 136 28.18 -11.80 -11.69
CA ARG A 136 29.21 -11.04 -10.99
C ARG A 136 28.68 -10.48 -9.68
N LEU A 137 27.41 -10.07 -9.66
CA LEU A 137 26.83 -9.56 -8.41
C LEU A 137 26.67 -10.68 -7.38
N LEU A 138 26.31 -11.88 -7.82
CA LEU A 138 26.19 -13.01 -6.92
C LEU A 138 27.54 -13.65 -6.57
N GLU A 139 28.62 -13.22 -7.24
CA GLU A 139 29.93 -13.79 -6.92
C GLU A 139 30.43 -13.35 -5.55
N LYS A 140 30.02 -12.17 -5.08
CA LYS A 140 30.50 -11.68 -3.80
C LYS A 140 29.90 -12.42 -2.61
N ILE A 141 28.82 -13.15 -2.82
CA ILE A 141 28.15 -13.87 -1.72
C ILE A 141 28.92 -15.14 -1.38
N LYS A 149 27.25 -20.03 2.72
CA LYS A 149 26.38 -18.85 2.79
C LYS A 149 25.38 -18.95 3.93
N ARG A 150 25.39 -20.10 4.62
CA ARG A 150 24.44 -20.31 5.70
C ARG A 150 24.82 -19.48 6.92
N LEU A 151 23.80 -18.91 7.56
CA LEU A 151 23.99 -18.00 8.68
C LEU A 151 23.79 -18.73 10.01
N SER A 152 24.56 -18.31 11.02
CA SER A 152 24.56 -18.93 12.35
C SER A 152 23.47 -18.32 13.22
N PRO A 153 23.10 -18.99 14.32
CA PRO A 153 22.06 -18.41 15.20
C PRO A 153 22.45 -17.08 15.82
N LYS A 154 23.68 -16.96 16.33
CA LYS A 154 24.13 -15.70 16.92
C LYS A 154 24.06 -14.57 15.90
N GLU A 155 24.52 -14.83 14.68
CA GLU A 155 24.47 -13.81 13.63
C GLU A 155 23.03 -13.40 13.33
N SER A 156 22.10 -14.35 13.36
CA SER A 156 20.71 -14.02 13.11
C SER A 156 20.11 -13.19 14.25
N GLU A 157 20.54 -13.45 15.49
CA GLU A 157 20.06 -12.64 16.60
C GLU A 157 20.60 -11.21 16.50
N VAL A 158 21.90 -11.07 16.24
CA VAL A 158 22.49 -9.74 16.10
C VAL A 158 21.83 -8.98 14.95
N LEU A 159 21.63 -9.65 13.82
CA LEU A 159 20.95 -9.00 12.70
C LEU A 159 19.50 -8.66 13.02
N ARG A 160 18.88 -9.46 13.90
CA ARG A 160 17.53 -9.14 14.37
C ARG A 160 17.53 -7.82 15.12
N LEU A 161 18.30 -7.74 16.21
CA LEU A 161 18.27 -6.55 17.05
C LEU A 161 18.77 -5.32 16.30
N PHE A 162 19.78 -5.48 15.45
CA PHE A 162 20.22 -4.38 14.61
C PHE A 162 19.14 -3.99 13.61
N ALA A 163 18.31 -4.95 13.18
CA ALA A 163 17.23 -4.64 12.27
C ALA A 163 16.15 -3.80 12.95
N GLU A 164 15.82 -4.14 14.20
CA GLU A 164 14.80 -3.37 14.92
C GLU A 164 15.20 -1.91 15.08
N GLY A 165 16.49 -1.67 15.36
CA GLY A 165 16.97 -0.32 15.52
C GLY A 165 17.93 -0.17 16.68
N PHE A 166 18.51 -1.29 17.11
CA PHE A 166 19.45 -1.28 18.22
C PHE A 166 20.87 -1.06 17.70
N LEU A 167 21.63 -0.24 18.43
CA LEU A 167 23.02 -0.02 18.09
C LEU A 167 23.86 -1.24 18.49
N VAL A 168 25.11 -1.25 18.06
CA VAL A 168 26.00 -2.36 18.38
C VAL A 168 26.22 -2.45 19.89
N THR A 169 26.46 -1.30 20.54
CA THR A 169 26.63 -1.29 21.98
C THR A 169 25.35 -1.72 22.69
N GLU A 170 24.19 -1.26 22.19
CA GLU A 170 22.91 -1.65 22.79
C GLU A 170 22.72 -3.16 22.74
N ILE A 171 23.05 -3.77 21.60
CA ILE A 171 22.95 -5.23 21.49
C ILE A 171 23.95 -5.91 22.41
N ALA A 172 25.15 -5.34 22.53
CA ALA A 172 26.16 -5.90 23.42
C ALA A 172 25.70 -5.89 24.86
N LYS A 173 24.97 -4.85 25.28
CA LYS A 173 24.45 -4.82 26.64
C LYS A 173 23.23 -5.70 26.81
N LYS A 174 22.41 -5.83 25.79
CA LYS A 174 21.22 -6.64 25.93
C LYS A 174 21.58 -8.11 26.01
N LEU A 175 22.62 -8.51 25.30
CA LEU A 175 23.06 -9.90 25.32
C LEU A 175 24.18 -10.15 26.31
N ASN A 176 24.65 -9.10 26.99
CA ASN A 176 25.64 -9.21 28.08
C ASN A 176 26.96 -9.82 27.60
N ARG A 177 27.27 -9.68 26.32
CA ARG A 177 28.59 -9.98 25.81
C ARG A 177 29.35 -8.68 25.58
N SER A 178 30.49 -8.77 24.91
CA SER A 178 31.29 -7.58 24.66
C SER A 178 30.83 -6.88 23.39
N ILE A 179 31.26 -5.63 23.24
CA ILE A 179 30.94 -4.88 22.03
C ILE A 179 31.67 -5.47 20.83
N LYS A 180 32.93 -5.88 21.02
CA LYS A 180 33.72 -6.39 19.92
C LYS A 180 33.21 -7.75 19.44
N THR A 181 32.62 -8.53 20.34
CA THR A 181 32.04 -9.80 19.96
C THR A 181 30.84 -9.60 19.03
N ILE A 182 29.92 -8.73 19.43
CA ILE A 182 28.76 -8.43 18.59
C ILE A 182 29.20 -7.80 17.27
N SER A 183 30.23 -6.95 17.32
CA SER A 183 30.76 -6.35 16.10
C SER A 183 31.28 -7.42 15.14
N SER A 184 32.03 -8.39 15.67
CA SER A 184 32.55 -9.46 14.83
C SER A 184 31.43 -10.31 14.27
N GLN A 185 30.46 -10.67 15.11
CA GLN A 185 29.35 -11.50 14.65
C GLN A 185 28.49 -10.79 13.61
N LYS A 186 28.44 -9.46 13.64
CA LYS A 186 27.68 -8.73 12.64
C LYS A 186 28.47 -8.60 11.34
N LYS A 187 29.74 -8.18 11.44
CA LYS A 187 30.56 -7.99 10.25
C LYS A 187 30.75 -9.30 9.49
N SER A 188 30.86 -10.41 10.21
CA SER A 188 30.95 -11.71 9.54
C SER A 188 29.68 -12.01 8.78
N ALA A 189 28.52 -11.70 9.37
CA ALA A 189 27.25 -11.91 8.68
C ALA A 189 27.16 -11.07 7.42
N MET A 190 27.59 -9.81 7.48
CA MET A 190 27.63 -8.99 6.27
C MET A 190 28.61 -9.57 5.26
N MET A 191 29.70 -10.17 5.72
CA MET A 191 30.63 -10.82 4.81
C MET A 191 30.01 -12.03 4.13
N LYS A 192 29.10 -12.71 4.81
CA LYS A 192 28.44 -13.88 4.23
C LYS A 192 27.22 -13.53 3.38
N LEU A 193 26.65 -12.34 3.56
CA LEU A 193 25.52 -11.90 2.75
C LEU A 193 25.93 -11.10 1.53
N GLY A 194 27.23 -10.81 1.36
CA GLY A 194 27.67 -10.02 0.24
C GLY A 194 27.42 -8.53 0.38
N VAL A 195 27.15 -8.05 1.59
CA VAL A 195 26.87 -6.65 1.86
C VAL A 195 28.16 -5.97 2.30
N GLU A 196 28.40 -4.76 1.80
CA GLU A 196 29.68 -4.08 2.03
C GLU A 196 29.63 -3.02 3.11
N ASN A 197 28.46 -2.41 3.37
CA ASN A 197 28.36 -1.36 4.36
C ASN A 197 27.00 -1.43 5.04
N ASP A 198 26.75 -0.45 5.92
CA ASP A 198 25.54 -0.51 6.74
C ASP A 198 24.29 -0.13 5.94
N ILE A 199 24.41 0.76 4.97
CA ILE A 199 23.25 1.22 4.21
C ILE A 199 22.66 0.05 3.43
N ALA A 200 23.49 -0.67 2.67
CA ALA A 200 23.01 -1.84 1.95
C ALA A 200 22.48 -2.91 2.89
N LEU A 201 23.06 -3.01 4.09
CA LEU A 201 22.57 -3.97 5.09
C LEU A 201 21.14 -3.64 5.48
N LEU A 202 20.88 -2.38 5.88
CA LEU A 202 19.53 -2.00 6.26
C LEU A 202 18.56 -2.06 5.09
N ASN A 203 19.04 -1.82 3.88
CA ASN A 203 18.21 -2.04 2.70
C ASN A 203 17.80 -3.50 2.59
N TYR A 204 18.77 -4.42 2.70
CA TYR A 204 18.46 -5.84 2.66
C TYR A 204 17.46 -6.23 3.72
N LEU A 205 17.77 -5.96 4.99
CA LEU A 205 16.90 -6.41 6.06
C LEU A 205 15.55 -5.71 6.03
N SER A 206 15.49 -4.50 5.46
CA SER A 206 14.19 -3.86 5.26
C SER A 206 13.42 -4.52 4.14
N SER A 207 14.11 -5.15 3.19
CA SER A 207 13.42 -5.84 2.11
C SER A 207 12.98 -7.25 2.49
N VAL A 208 13.63 -7.88 3.48
CA VAL A 208 13.28 -9.23 3.89
C VAL A 208 12.88 -9.25 5.36
N THR A 209 11.71 -8.71 5.66
CA THR A 209 11.22 -8.70 7.04
C THR A 209 10.36 -9.92 7.33
N ASN B 2 17.35 26.94 -36.68
CA ASN B 2 15.94 26.54 -36.62
C ASN B 2 15.77 25.34 -35.70
N ASN B 3 16.68 24.37 -35.82
CA ASN B 3 16.62 23.17 -35.01
C ASN B 3 17.14 23.45 -33.60
N MET B 4 17.06 22.43 -32.74
CA MET B 4 17.56 22.53 -31.38
C MET B 4 18.22 21.21 -31.00
N ASN B 5 19.43 21.30 -30.44
CA ASN B 5 20.21 20.13 -30.06
C ASN B 5 20.08 19.88 -28.56
N VAL B 6 19.95 18.61 -28.18
CA VAL B 6 19.79 18.22 -26.80
C VAL B 6 20.81 17.15 -26.46
N ILE B 7 21.14 17.06 -25.17
CA ILE B 7 22.03 16.04 -24.64
C ILE B 7 21.37 15.42 -23.42
N ILE B 8 21.25 14.10 -23.41
CA ILE B 8 20.65 13.37 -22.30
C ILE B 8 21.76 12.69 -21.52
N ALA B 9 21.63 12.69 -20.19
CA ALA B 9 22.67 12.16 -19.30
C ALA B 9 22.01 11.49 -18.11
N ASP B 10 22.20 10.17 -18.00
CA ASP B 10 21.70 9.38 -16.89
C ASP B 10 22.47 8.07 -16.86
N ASP B 11 22.57 7.47 -15.68
CA ASP B 11 23.27 6.19 -15.55
C ASP B 11 22.40 4.99 -15.87
N HIS B 12 21.12 5.20 -16.17
CA HIS B 12 20.23 4.10 -16.54
C HIS B 12 20.05 4.10 -18.05
N PRO B 13 20.64 3.13 -18.77
CA PRO B 13 20.47 3.13 -20.23
C PRO B 13 19.04 2.91 -20.69
N ILE B 14 18.21 2.24 -19.88
CA ILE B 14 16.80 2.12 -20.21
C ILE B 14 16.12 3.49 -20.16
N VAL B 15 16.52 4.33 -19.21
CA VAL B 15 16.00 5.69 -19.15
C VAL B 15 16.48 6.50 -20.35
N LEU B 16 17.74 6.33 -20.73
CA LEU B 16 18.24 7.01 -21.93
C LEU B 16 17.43 6.62 -23.14
N PHE B 17 17.15 5.33 -23.30
CA PHE B 17 16.38 4.87 -24.44
C PHE B 17 14.96 5.44 -24.41
N GLY B 18 14.34 5.45 -23.23
CA GLY B 18 13.00 6.00 -23.12
C GLY B 18 12.94 7.49 -23.44
N ILE B 19 13.92 8.25 -22.96
CA ILE B 19 13.95 9.68 -23.25
C ILE B 19 14.23 9.93 -24.72
N ARG B 20 15.16 9.18 -25.31
CA ARG B 20 15.48 9.37 -26.73
C ARG B 20 14.28 9.04 -27.60
N LYS B 21 13.56 7.96 -27.29
CA LYS B 21 12.34 7.67 -28.03
C LYS B 21 11.25 8.69 -27.74
N SER B 22 11.28 9.31 -26.56
CA SER B 22 10.30 10.34 -26.26
C SER B 22 10.57 11.63 -27.03
N LEU B 23 11.84 11.90 -27.35
CA LEU B 23 12.19 13.11 -28.09
C LEU B 23 12.12 12.93 -29.60
N GLU B 24 12.20 11.69 -30.09
CA GLU B 24 12.01 11.46 -31.51
C GLU B 24 10.57 11.71 -31.96
N GLN B 25 9.64 11.88 -31.01
CA GLN B 25 8.31 12.35 -31.35
C GLN B 25 8.33 13.77 -31.89
N ILE B 26 9.37 14.54 -31.58
CA ILE B 26 9.47 15.94 -31.96
C ILE B 26 10.56 16.08 -33.01
N GLU B 27 10.24 16.73 -34.12
CA GLU B 27 11.14 16.81 -35.25
C GLU B 27 12.10 18.00 -35.20
N TRP B 28 11.84 18.99 -34.35
CA TRP B 28 12.78 20.08 -34.16
C TRP B 28 13.76 19.83 -33.03
N VAL B 29 13.77 18.61 -32.48
CA VAL B 29 14.73 18.22 -31.45
C VAL B 29 15.78 17.32 -32.08
N ASN B 30 17.04 17.55 -31.75
CA ASN B 30 18.16 16.82 -32.32
C ASN B 30 19.01 16.26 -31.19
N VAL B 31 18.96 14.94 -31.00
CA VAL B 31 19.76 14.28 -29.98
C VAL B 31 21.18 14.16 -30.52
N VAL B 32 22.12 14.91 -29.92
CA VAL B 32 23.49 14.93 -30.39
C VAL B 32 24.42 14.11 -29.50
N GLY B 33 23.86 13.32 -28.58
CA GLY B 33 24.70 12.46 -27.77
C GLY B 33 24.12 12.07 -26.43
N GLU B 34 24.23 10.80 -26.08
CA GLU B 34 23.86 10.28 -24.77
C GLU B 34 25.11 9.98 -23.97
N PHE B 35 25.04 10.20 -22.66
CA PHE B 35 26.20 10.01 -21.79
C PHE B 35 25.75 9.38 -20.48
N GLU B 36 26.67 8.62 -19.88
CA GLU B 36 26.39 7.88 -18.66
C GLU B 36 27.20 8.36 -17.47
N ASP B 37 28.18 9.24 -17.68
CA ASP B 37 29.01 9.74 -16.59
C ASP B 37 29.42 11.17 -16.89
N SER B 38 29.82 11.89 -15.83
CA SER B 38 30.17 13.30 -15.98
C SER B 38 31.51 13.48 -16.68
N THR B 39 32.45 12.55 -16.48
CA THR B 39 33.78 12.68 -17.06
C THR B 39 33.72 12.75 -18.58
N ALA B 40 32.90 11.90 -19.20
CA ALA B 40 32.74 11.96 -20.65
C ALA B 40 31.88 13.13 -21.08
N LEU B 41 30.88 13.48 -20.28
CA LEU B 41 29.98 14.58 -20.61
C LEU B 41 30.75 15.89 -20.74
N ILE B 42 31.58 16.21 -19.74
CA ILE B 42 32.33 17.46 -19.78
C ILE B 42 33.32 17.45 -20.95
N ASN B 43 33.94 16.30 -21.21
CA ASN B 43 34.90 16.23 -22.31
C ASN B 43 34.23 16.31 -23.67
N ASN B 44 32.94 16.01 -23.76
CA ASN B 44 32.23 16.11 -25.04
C ASN B 44 31.33 17.34 -25.13
N LEU B 45 31.28 18.18 -24.09
CA LEU B 45 30.45 19.39 -24.17
C LEU B 45 31.00 20.39 -25.18
N PRO B 46 32.29 20.75 -25.17
CA PRO B 46 32.75 21.74 -26.18
C PRO B 46 32.71 21.21 -27.60
N LYS B 47 32.85 19.89 -27.80
CA LYS B 47 32.85 19.34 -29.14
C LYS B 47 31.48 19.41 -29.81
N LEU B 48 30.40 19.47 -29.03
CA LEU B 48 29.04 19.52 -29.56
C LEU B 48 28.42 20.86 -29.18
N ASP B 49 28.08 21.66 -30.21
CA ASP B 49 27.39 22.93 -29.99
C ASP B 49 25.91 22.62 -29.72
N ALA B 50 25.63 22.25 -28.47
CA ALA B 50 24.31 21.86 -28.04
C ALA B 50 23.59 23.01 -27.35
N HIS B 51 22.27 22.88 -27.26
CA HIS B 51 21.41 23.90 -26.66
C HIS B 51 20.89 23.51 -25.29
N VAL B 52 20.36 22.30 -25.14
CA VAL B 52 19.70 21.87 -23.90
C VAL B 52 20.39 20.62 -23.38
N LEU B 53 20.44 20.50 -22.06
CA LEU B 53 20.97 19.34 -21.37
C LEU B 53 19.91 18.76 -20.45
N ILE B 54 19.62 17.48 -20.60
CA ILE B 54 18.68 16.75 -19.76
C ILE B 54 19.49 15.75 -18.93
N THR B 55 19.51 15.94 -17.62
CA THR B 55 20.40 15.18 -16.76
C THR B 55 19.70 14.81 -15.46
N ASP B 56 20.32 13.88 -14.73
CA ASP B 56 19.90 13.47 -13.41
C ASP B 56 20.95 13.91 -12.39
N LEU B 57 20.53 13.94 -11.12
CA LEU B 57 21.45 14.33 -10.06
C LEU B 57 22.43 13.21 -9.73
N SER B 58 21.92 11.98 -9.60
CA SER B 58 22.76 10.82 -9.29
C SER B 58 23.49 10.39 -10.56
N MET B 59 24.79 10.65 -10.63
CA MET B 59 25.60 10.32 -11.79
C MET B 59 26.97 9.84 -11.34
N PRO B 60 27.49 8.74 -11.89
CA PRO B 60 28.79 8.24 -11.46
C PRO B 60 29.96 9.01 -12.05
N GLY B 61 30.46 9.99 -11.31
CA GLY B 61 31.62 10.74 -11.74
C GLY B 61 32.54 11.00 -10.57
N ASP B 62 33.83 11.16 -10.87
CA ASP B 62 34.82 11.39 -9.83
C ASP B 62 35.63 12.65 -10.09
N LYS B 63 35.87 12.97 -11.36
CA LYS B 63 36.66 14.15 -11.69
C LYS B 63 35.83 15.42 -11.53
N TYR B 64 34.60 15.42 -12.04
CA TYR B 64 33.72 16.58 -11.95
C TYR B 64 32.53 16.35 -11.03
N GLY B 65 32.39 15.15 -10.46
CA GLY B 65 31.33 14.90 -9.52
C GLY B 65 29.96 14.79 -10.15
N ASP B 66 28.95 15.04 -9.33
CA ASP B 66 27.56 14.99 -9.77
C ASP B 66 26.72 15.82 -8.82
N GLY B 67 25.43 15.92 -9.11
CA GLY B 67 24.55 16.70 -8.26
C GLY B 67 24.79 18.19 -8.40
N ILE B 68 24.54 18.91 -7.30
CA ILE B 68 24.71 20.37 -7.31
C ILE B 68 26.11 20.74 -7.76
N THR B 69 27.13 20.07 -7.21
CA THR B 69 28.52 20.34 -7.57
C THR B 69 28.73 20.29 -9.08
N LEU B 70 28.01 19.41 -9.79
CA LEU B 70 28.12 19.36 -11.24
C LEU B 70 27.46 20.58 -11.88
N ILE B 71 26.24 20.90 -11.44
CA ILE B 71 25.49 22.01 -12.03
C ILE B 71 26.27 23.30 -11.90
N LYS B 72 26.71 23.62 -10.67
CA LYS B 72 27.53 24.80 -10.45
C LYS B 72 28.73 24.85 -11.38
N TYR B 73 29.27 23.68 -11.74
CA TYR B 73 30.35 23.65 -12.71
C TYR B 73 29.85 24.03 -14.11
N ILE B 74 28.79 23.36 -14.56
CA ILE B 74 28.30 23.59 -15.91
C ILE B 74 27.76 25.01 -16.06
N LYS B 75 27.17 25.56 -15.00
CA LYS B 75 26.73 26.95 -15.05
C LYS B 75 27.90 27.92 -15.13
N ARG B 76 29.06 27.52 -14.62
CA ARG B 76 30.20 28.44 -14.57
C ARG B 76 31.09 28.36 -15.80
N HIS B 77 31.17 27.19 -16.45
CA HIS B 77 32.05 27.01 -17.59
C HIS B 77 31.31 26.86 -18.92
N PHE B 78 29.99 26.64 -18.89
CA PHE B 78 29.17 26.60 -20.10
C PHE B 78 27.92 27.44 -19.85
N PRO B 79 28.06 28.76 -19.76
CA PRO B 79 26.89 29.59 -19.44
C PRO B 79 25.84 29.60 -20.53
N SER B 80 26.23 29.36 -21.78
CA SER B 80 25.29 29.36 -22.90
C SER B 80 24.65 27.99 -23.10
N LEU B 81 24.17 27.39 -22.02
CA LEU B 81 23.61 26.05 -22.04
C LEU B 81 22.43 25.98 -21.10
N SER B 82 21.27 25.58 -21.62
CA SER B 82 20.09 25.37 -20.80
C SER B 82 20.13 24.00 -20.16
N ILE B 83 19.74 23.94 -18.89
CA ILE B 83 19.83 22.71 -18.10
C ILE B 83 18.45 22.36 -17.58
N ILE B 84 17.94 21.20 -17.98
CA ILE B 84 16.70 20.64 -17.46
C ILE B 84 17.06 19.37 -16.70
N VAL B 85 16.99 19.42 -15.38
CA VAL B 85 17.24 18.22 -14.58
C VAL B 85 15.96 17.42 -14.49
N LEU B 86 16.09 16.09 -14.57
CA LEU B 86 14.98 15.18 -14.34
C LEU B 86 15.44 14.16 -13.31
N THR B 87 14.64 13.99 -12.26
CA THR B 87 15.04 13.19 -11.12
C THR B 87 14.04 12.07 -10.87
N MET B 88 14.52 11.02 -10.20
CA MET B 88 13.70 9.87 -9.86
C MET B 88 13.20 9.88 -8.42
N ASN B 89 13.92 10.54 -7.51
CA ASN B 89 13.54 10.54 -6.11
C ASN B 89 12.45 11.58 -5.86
N ASN B 90 11.69 11.34 -4.79
CA ASN B 90 10.59 12.22 -4.39
C ASN B 90 10.83 12.69 -2.95
N ASN B 91 11.88 13.48 -2.77
CA ASN B 91 12.18 14.08 -1.47
C ASN B 91 11.96 15.58 -1.54
N PRO B 92 10.95 16.13 -0.87
CA PRO B 92 10.64 17.57 -1.04
C PRO B 92 11.81 18.49 -0.71
N ALA B 93 12.64 18.13 0.27
CA ALA B 93 13.77 18.98 0.64
C ALA B 93 14.85 18.94 -0.43
N ILE B 94 15.24 17.73 -0.87
CA ILE B 94 16.24 17.60 -1.92
C ILE B 94 15.76 18.29 -3.19
N LEU B 95 14.53 17.98 -3.62
CA LEU B 95 13.95 18.64 -4.78
C LEU B 95 14.02 20.16 -4.64
N SER B 96 13.62 20.68 -3.48
CA SER B 96 13.66 22.13 -3.26
C SER B 96 15.07 22.68 -3.47
N ALA B 97 16.07 22.06 -2.82
CA ALA B 97 17.45 22.49 -3.00
C ALA B 97 17.88 22.41 -4.45
N VAL B 98 17.27 21.52 -5.24
CA VAL B 98 17.59 21.47 -6.66
C VAL B 98 16.94 22.64 -7.40
N LEU B 99 15.67 22.94 -7.08
CA LEU B 99 14.99 24.04 -7.74
C LEU B 99 15.66 25.37 -7.44
N ASP B 100 16.28 25.51 -6.27
CA ASP B 100 16.94 26.77 -5.93
C ASP B 100 18.31 26.91 -6.58
N LEU B 101 18.48 26.46 -7.82
CA LEU B 101 19.76 26.57 -8.52
C LEU B 101 19.66 27.38 -9.81
N ASP B 102 18.50 27.99 -10.09
CA ASP B 102 18.29 28.82 -11.28
C ASP B 102 18.57 28.03 -12.56
N ILE B 103 17.82 26.96 -12.73
CA ILE B 103 17.91 26.13 -13.93
C ILE B 103 16.64 26.31 -14.75
N GLU B 104 16.67 25.80 -15.97
CA GLU B 104 15.62 26.04 -16.95
C GLU B 104 14.49 25.01 -16.91
N GLY B 105 14.37 24.28 -15.82
CA GLY B 105 13.27 23.33 -15.68
C GLY B 105 13.66 22.14 -14.81
N ILE B 106 12.67 21.64 -14.09
CA ILE B 106 12.81 20.46 -13.24
C ILE B 106 11.69 19.49 -13.59
N VAL B 107 12.04 18.22 -13.80
CA VAL B 107 11.09 17.21 -14.24
C VAL B 107 11.22 16.00 -13.31
N LEU B 108 10.15 15.69 -12.59
CA LEU B 108 10.06 14.44 -11.86
C LEU B 108 9.82 13.29 -12.83
N LYS B 109 10.30 12.10 -12.47
CA LYS B 109 10.06 10.93 -13.30
C LYS B 109 8.62 10.43 -13.20
N GLN B 110 7.93 10.73 -12.08
CA GLN B 110 6.56 10.29 -11.90
C GLN B 110 5.60 11.26 -12.57
N GLY B 111 4.57 10.71 -13.21
CA GLY B 111 3.56 11.54 -13.84
C GLY B 111 4.12 12.48 -14.89
N ALA B 112 5.10 12.02 -15.67
CA ALA B 112 5.74 12.87 -16.68
C ALA B 112 5.87 12.17 -18.02
N PRO B 113 4.77 11.68 -18.61
CA PRO B 113 4.86 11.11 -19.95
C PRO B 113 4.74 12.15 -21.05
N THR B 114 4.11 13.29 -20.78
CA THR B 114 3.91 14.34 -21.77
C THR B 114 4.49 15.69 -21.39
N ASP B 115 4.75 15.94 -20.11
CA ASP B 115 5.17 17.27 -19.68
C ASP B 115 6.65 17.54 -19.92
N LEU B 116 7.45 16.51 -20.19
CA LEU B 116 8.84 16.77 -20.58
C LEU B 116 8.92 17.42 -21.94
N PRO B 117 8.25 16.92 -22.99
CA PRO B 117 8.17 17.72 -24.23
C PRO B 117 7.47 19.06 -24.02
N LYS B 118 6.62 19.17 -23.00
CA LYS B 118 5.98 20.45 -22.71
C LYS B 118 6.98 21.46 -22.18
N ALA B 119 7.92 21.02 -21.34
CA ALA B 119 8.96 21.91 -20.87
C ALA B 119 9.96 22.22 -21.98
N LEU B 120 10.28 21.22 -22.81
CA LEU B 120 11.14 21.47 -23.96
C LEU B 120 10.53 22.53 -24.87
N ALA B 121 9.22 22.44 -25.12
CA ALA B 121 8.54 23.47 -25.89
C ALA B 121 8.42 24.78 -25.11
N ALA B 122 8.47 24.71 -23.77
CA ALA B 122 8.47 25.93 -22.98
C ALA B 122 9.80 26.67 -23.10
N LEU B 123 10.88 25.95 -23.39
CA LEU B 123 12.14 26.61 -23.65
C LEU B 123 12.15 27.37 -24.98
N GLN B 124 11.14 27.14 -25.83
CA GLN B 124 11.02 27.94 -27.05
C GLN B 124 10.63 29.37 -26.75
N LYS B 125 9.88 29.60 -25.68
CA LYS B 125 9.47 30.94 -25.29
C LYS B 125 10.55 31.66 -24.51
N GLU B 132 7.13 23.14 -15.89
CA GLU B 132 6.37 21.90 -15.96
C GLU B 132 4.94 22.13 -15.48
N SER B 133 4.14 21.07 -15.45
CA SER B 133 2.73 21.14 -15.04
C SER B 133 2.50 20.41 -13.72
N VAL B 134 2.86 19.13 -13.64
CA VAL B 134 2.63 18.37 -12.41
C VAL B 134 3.55 18.87 -11.30
N SER B 135 4.83 19.09 -11.62
CA SER B 135 5.76 19.62 -10.62
C SER B 135 5.40 21.05 -10.22
N ARG B 136 4.79 21.81 -11.14
CA ARG B 136 4.30 23.13 -10.77
C ARG B 136 3.08 23.03 -9.85
N LEU B 137 2.22 22.03 -10.11
CA LEU B 137 1.07 21.82 -9.23
C LEU B 137 1.52 21.40 -7.83
N LEU B 138 2.57 20.59 -7.75
CA LEU B 138 3.14 20.21 -6.46
C LEU B 138 4.06 21.27 -5.89
N GLU B 139 4.37 22.32 -6.65
CA GLU B 139 5.27 23.36 -6.17
C GLU B 139 4.58 24.26 -5.15
N LYS B 140 3.37 24.69 -5.45
CA LYS B 140 2.61 25.57 -4.56
C LYS B 140 2.26 24.84 -3.27
N ARG B 150 12.56 22.26 5.97
CA ARG B 150 13.19 22.34 4.64
C ARG B 150 14.71 22.38 4.77
N LEU B 151 15.39 21.66 3.90
CA LEU B 151 16.84 21.48 3.97
C LEU B 151 17.57 22.44 3.05
N SER B 152 18.85 22.64 3.36
CA SER B 152 19.72 23.50 2.56
C SER B 152 20.31 22.71 1.41
N PRO B 153 20.95 23.39 0.44
CA PRO B 153 21.59 22.63 -0.65
C PRO B 153 22.62 21.63 -0.18
N LYS B 154 23.51 22.03 0.74
CA LYS B 154 24.56 21.12 1.20
C LYS B 154 23.97 19.93 1.95
N GLU B 155 22.99 20.18 2.83
CA GLU B 155 22.32 19.09 3.53
C GLU B 155 21.65 18.14 2.56
N SER B 156 20.99 18.68 1.53
CA SER B 156 20.34 17.84 0.54
C SER B 156 21.35 16.99 -0.23
N GLU B 157 22.51 17.58 -0.59
CA GLU B 157 23.52 16.80 -1.29
C GLU B 157 24.08 15.70 -0.40
N VAL B 158 24.37 16.01 0.87
CA VAL B 158 24.87 15.00 1.79
C VAL B 158 23.87 13.87 1.97
N LEU B 159 22.58 14.21 2.08
CA LEU B 159 21.57 13.16 2.23
C LEU B 159 21.39 12.35 0.95
N ARG B 160 21.56 12.98 -0.21
CA ARG B 160 21.46 12.24 -1.46
C ARG B 160 22.60 11.24 -1.61
N LEU B 161 23.82 11.66 -1.28
CA LEU B 161 24.95 10.74 -1.36
C LEU B 161 24.84 9.66 -0.29
N PHE B 162 24.32 10.00 0.89
CA PHE B 162 24.16 9.00 1.94
C PHE B 162 23.09 7.97 1.59
N ALA B 163 22.04 8.40 0.89
CA ALA B 163 20.99 7.46 0.49
C ALA B 163 21.50 6.45 -0.53
N GLU B 164 22.43 6.86 -1.38
CA GLU B 164 22.99 5.97 -2.40
C GLU B 164 23.94 4.93 -1.82
N GLY B 165 24.29 5.03 -0.53
CA GLY B 165 25.13 4.06 0.12
C GLY B 165 26.49 4.57 0.54
N PHE B 166 26.82 5.82 0.27
CA PHE B 166 28.12 6.36 0.64
C PHE B 166 28.18 6.63 2.14
N LEU B 167 29.27 6.21 2.78
CA LEU B 167 29.48 6.49 4.19
C LEU B 167 29.81 7.97 4.39
N VAL B 168 29.91 8.37 5.66
CA VAL B 168 30.21 9.77 5.98
C VAL B 168 31.60 10.14 5.47
N THR B 169 32.59 9.29 5.77
CA THR B 169 33.96 9.55 5.32
C THR B 169 34.05 9.53 3.80
N GLU B 170 33.28 8.65 3.16
CA GLU B 170 33.29 8.59 1.70
C GLU B 170 32.73 9.87 1.10
N ILE B 171 31.64 10.39 1.67
CA ILE B 171 31.08 11.66 1.19
C ILE B 171 32.06 12.79 1.42
N ALA B 172 32.72 12.79 2.58
CA ALA B 172 33.71 13.83 2.86
C ALA B 172 34.87 13.76 1.86
N LYS B 173 35.25 12.57 1.44
CA LYS B 173 36.33 12.44 0.46
C LYS B 173 35.86 12.86 -0.93
N LYS B 174 34.59 12.58 -1.27
CA LYS B 174 34.10 12.90 -2.60
C LYS B 174 33.93 14.41 -2.81
N LEU B 175 33.84 15.19 -1.74
CA LEU B 175 33.58 16.62 -1.83
C LEU B 175 34.77 17.48 -1.42
N ASN B 176 35.93 16.87 -1.19
CA ASN B 176 37.13 17.58 -0.75
C ASN B 176 36.84 18.39 0.51
N ARG B 177 36.04 17.82 1.41
CA ARG B 177 35.58 18.49 2.61
C ARG B 177 35.90 17.64 3.83
N SER B 178 35.81 18.26 5.00
CA SER B 178 36.14 17.58 6.25
C SER B 178 35.03 16.61 6.65
N ILE B 179 35.41 15.55 7.37
CA ILE B 179 34.43 14.58 7.83
C ILE B 179 33.50 15.21 8.86
N LYS B 180 34.05 16.10 9.70
CA LYS B 180 33.25 16.75 10.73
C LYS B 180 32.18 17.64 10.13
N THR B 181 32.48 18.30 9.02
CA THR B 181 31.50 19.13 8.32
C THR B 181 30.34 18.28 7.81
N ILE B 182 30.65 17.19 7.11
CA ILE B 182 29.60 16.33 6.58
C ILE B 182 28.78 15.70 7.69
N SER B 183 29.43 15.35 8.80
CA SER B 183 28.71 14.80 9.95
C SER B 183 27.77 15.83 10.54
N SER B 184 28.21 17.08 10.66
CA SER B 184 27.35 18.13 11.20
C SER B 184 26.17 18.40 10.26
N GLN B 185 26.42 18.42 8.96
CA GLN B 185 25.35 18.67 8.00
C GLN B 185 24.32 17.55 8.02
N LYS B 186 24.78 16.30 8.01
CA LYS B 186 23.85 15.16 8.06
C LYS B 186 23.05 15.16 9.35
N LYS B 187 23.75 15.26 10.49
CA LYS B 187 23.06 15.22 11.78
C LYS B 187 22.06 16.36 11.90
N SER B 188 22.43 17.56 11.46
CA SER B 188 21.48 18.68 11.49
C SER B 188 20.29 18.40 10.58
N ALA B 189 20.53 17.79 9.42
CA ALA B 189 19.43 17.43 8.54
C ALA B 189 18.47 16.45 9.21
N MET B 190 19.00 15.45 9.92
CA MET B 190 18.13 14.55 10.68
C MET B 190 17.34 15.31 11.74
N MET B 191 17.99 16.26 12.43
CA MET B 191 17.26 17.04 13.42
C MET B 191 16.18 17.90 12.80
N LYS B 192 16.34 18.29 11.53
CA LYS B 192 15.33 19.09 10.85
C LYS B 192 14.23 18.24 10.22
N LEU B 193 14.47 16.95 9.99
CA LEU B 193 13.46 16.07 9.43
C LEU B 193 12.72 15.27 10.49
N GLY B 194 12.98 15.52 11.78
CA GLY B 194 12.34 14.75 12.82
C GLY B 194 12.72 13.29 12.86
N VAL B 195 13.90 12.94 12.34
CA VAL B 195 14.37 11.57 12.28
C VAL B 195 15.45 11.36 13.33
N GLU B 196 15.39 10.24 14.03
CA GLU B 196 16.27 9.99 15.17
C GLU B 196 17.46 9.11 14.85
N ASN B 197 17.39 8.28 13.82
CA ASN B 197 18.47 7.34 13.52
C ASN B 197 18.53 7.11 12.01
N ASP B 198 19.46 6.24 11.59
CA ASP B 198 19.70 6.03 10.17
C ASP B 198 18.60 5.19 9.53
N ILE B 199 18.00 4.27 10.28
CA ILE B 199 16.95 3.41 9.74
C ILE B 199 15.78 4.26 9.27
N ALA B 200 15.23 5.08 10.17
CA ALA B 200 14.16 6.01 9.78
C ALA B 200 14.63 7.03 8.75
N LEU B 201 15.92 7.35 8.71
CA LEU B 201 16.43 8.25 7.68
C LEU B 201 16.23 7.66 6.30
N LEU B 202 16.83 6.49 6.06
CA LEU B 202 16.68 5.84 4.76
C LEU B 202 15.22 5.49 4.49
N ASN B 203 14.45 5.17 5.53
CA ASN B 203 13.02 4.95 5.36
C ASN B 203 12.33 6.20 4.84
N TYR B 204 12.76 7.37 5.30
CA TYR B 204 12.17 8.62 4.80
C TYR B 204 12.62 8.90 3.37
N LEU B 205 13.93 8.83 3.11
CA LEU B 205 14.45 9.18 1.80
C LEU B 205 13.90 8.23 0.74
N SER B 206 13.63 6.99 1.10
CA SER B 206 13.02 6.07 0.14
C SER B 206 11.56 6.43 -0.14
N SER B 207 10.87 7.03 0.82
CA SER B 207 9.47 7.41 0.65
C SER B 207 9.33 8.74 -0.07
N ASN E 2 -29.03 -27.79 -13.63
CA ASN E 2 -27.96 -26.92 -14.10
C ASN E 2 -28.10 -25.53 -13.47
N ASN E 3 -29.33 -25.04 -13.38
CA ASN E 3 -29.59 -23.75 -12.76
C ASN E 3 -29.41 -23.84 -11.25
N MET E 4 -29.37 -22.67 -10.61
CA MET E 4 -29.13 -22.59 -9.17
C MET E 4 -29.73 -21.29 -8.64
N ASN E 5 -30.53 -21.39 -7.59
CA ASN E 5 -31.18 -20.25 -6.98
C ASN E 5 -30.40 -19.76 -5.77
N VAL E 6 -30.27 -18.43 -5.66
CA VAL E 6 -29.50 -17.81 -4.59
C VAL E 6 -30.35 -16.75 -3.90
N ILE E 7 -30.05 -16.53 -2.63
CA ILE E 7 -30.67 -15.48 -1.82
C ILE E 7 -29.56 -14.68 -1.17
N ILE E 8 -29.54 -13.38 -1.40
CA ILE E 8 -28.53 -12.50 -0.83
C ILE E 8 -29.12 -11.82 0.40
N ALA E 9 -28.28 -11.59 1.41
CA ALA E 9 -28.72 -11.00 2.66
C ALA E 9 -27.60 -10.14 3.24
N ASP E 10 -27.86 -8.84 3.34
CA ASP E 10 -26.91 -7.89 3.91
C ASP E 10 -27.67 -6.62 4.29
N ASP E 11 -27.24 -6.01 5.39
CA ASP E 11 -27.90 -4.80 5.88
C ASP E 11 -27.52 -3.55 5.09
N HIS E 12 -26.67 -3.68 4.06
CA HIS E 12 -26.26 -2.54 3.24
C HIS E 12 -26.89 -2.64 1.87
N PRO E 13 -27.90 -1.82 1.55
CA PRO E 13 -28.55 -1.93 0.23
C PRO E 13 -27.60 -1.72 -0.94
N ILE E 14 -26.56 -0.89 -0.76
CA ILE E 14 -25.57 -0.72 -1.82
C ILE E 14 -24.80 -2.01 -2.03
N VAL E 15 -24.46 -2.71 -0.94
CA VAL E 15 -23.76 -3.98 -1.06
C VAL E 15 -24.69 -5.03 -1.69
N LEU E 16 -25.95 -5.05 -1.28
CA LEU E 16 -26.92 -5.97 -1.88
C LEU E 16 -27.02 -5.76 -3.38
N PHE E 17 -27.12 -4.49 -3.79
CA PHE E 17 -27.16 -4.16 -5.22
C PHE E 17 -25.89 -4.63 -5.92
N GLY E 18 -24.74 -4.41 -5.28
CA GLY E 18 -23.48 -4.83 -5.90
C GLY E 18 -23.38 -6.33 -6.07
N ILE E 19 -23.80 -7.09 -5.06
CA ILE E 19 -23.80 -8.55 -5.19
C ILE E 19 -24.77 -9.00 -6.26
N ARG E 20 -25.95 -8.37 -6.32
CA ARG E 20 -26.92 -8.71 -7.35
C ARG E 20 -26.34 -8.52 -8.74
N LYS E 21 -25.79 -7.34 -9.02
CA LYS E 21 -25.20 -7.10 -10.33
C LYS E 21 -23.97 -7.97 -10.56
N SER E 22 -23.29 -8.39 -9.49
CA SER E 22 -22.15 -9.29 -9.65
C SER E 22 -22.61 -10.69 -10.03
N LEU E 23 -23.81 -11.09 -9.60
CA LEU E 23 -24.35 -12.40 -9.95
C LEU E 23 -25.09 -12.39 -11.28
N GLU E 24 -25.53 -11.23 -11.75
CA GLU E 24 -26.11 -11.15 -13.09
C GLU E 24 -25.08 -11.45 -14.17
N GLN E 25 -23.80 -11.42 -13.84
CA GLN E 25 -22.76 -11.80 -14.79
C GLN E 25 -22.82 -13.28 -15.15
N ILE E 26 -23.42 -14.10 -14.29
CA ILE E 26 -23.46 -15.55 -14.48
C ILE E 26 -24.90 -15.94 -14.77
N GLU E 27 -25.11 -16.66 -15.88
CA GLU E 27 -26.46 -16.98 -16.33
C GLU E 27 -27.09 -18.15 -15.60
N TRP E 28 -26.29 -19.08 -15.06
CA TRP E 28 -26.86 -20.19 -14.31
C TRP E 28 -27.14 -19.82 -12.85
N VAL E 29 -27.02 -18.55 -12.49
CA VAL E 29 -27.38 -18.06 -11.17
C VAL E 29 -28.72 -17.33 -11.28
N ASN E 30 -29.59 -17.55 -10.30
CA ASN E 30 -30.95 -17.01 -10.30
C ASN E 30 -31.19 -16.37 -8.93
N VAL E 31 -31.12 -15.05 -8.86
CA VAL E 31 -31.38 -14.32 -7.62
C VAL E 31 -32.88 -14.35 -7.37
N VAL E 32 -33.29 -15.02 -6.29
CA VAL E 32 -34.71 -15.18 -5.99
C VAL E 32 -35.16 -14.36 -4.80
N GLY E 33 -34.28 -13.55 -4.21
CA GLY E 33 -34.69 -12.71 -3.10
C GLY E 33 -33.56 -12.00 -2.39
N GLU E 34 -33.76 -10.71 -2.13
CA GLU E 34 -32.81 -9.90 -1.38
C GLU E 34 -33.45 -9.48 -0.05
N PHE E 35 -32.68 -9.58 1.02
CA PHE E 35 -33.19 -9.30 2.36
C PHE E 35 -32.15 -8.53 3.15
N GLU E 36 -32.63 -7.72 4.09
CA GLU E 36 -31.76 -6.87 4.90
C GLU E 36 -31.83 -7.17 6.39
N ASP E 37 -32.59 -8.19 6.79
CA ASP E 37 -32.66 -8.57 8.20
C ASP E 37 -33.03 -10.05 8.29
N SER E 38 -32.67 -10.67 9.41
CA SER E 38 -32.88 -12.10 9.56
C SER E 38 -34.35 -12.43 9.73
N THR E 39 -35.11 -11.56 10.40
CA THR E 39 -36.53 -11.81 10.63
C THR E 39 -37.27 -11.97 9.31
N ALA E 40 -36.99 -11.11 8.33
CA ALA E 40 -37.58 -11.23 7.01
C ALA E 40 -36.98 -12.37 6.22
N LEU E 41 -35.72 -12.73 6.50
CA LEU E 41 -35.06 -13.80 5.76
C LEU E 41 -35.67 -15.16 6.10
N ILE E 42 -35.93 -15.41 7.38
CA ILE E 42 -36.47 -16.70 7.79
C ILE E 42 -37.90 -16.88 7.31
N ASN E 43 -38.68 -15.80 7.31
CA ASN E 43 -40.08 -15.90 6.94
C ASN E 43 -40.29 -16.16 5.46
N ASN E 44 -39.29 -15.87 4.62
CA ASN E 44 -39.38 -16.10 3.18
C ASN E 44 -38.50 -17.25 2.71
N LEU E 45 -37.83 -17.95 3.62
CA LEU E 45 -36.98 -19.07 3.22
C LEU E 45 -37.80 -20.25 2.73
N PRO E 46 -38.86 -20.71 3.40
CA PRO E 46 -39.65 -21.81 2.84
C PRO E 46 -40.50 -21.41 1.65
N LYS E 47 -40.86 -20.13 1.52
CA LYS E 47 -41.67 -19.69 0.39
C LYS E 47 -40.90 -19.71 -0.93
N LEU E 48 -39.58 -19.64 -0.88
CA LEU E 48 -38.74 -19.68 -2.07
C LEU E 48 -37.88 -20.94 -2.01
N ASP E 49 -38.09 -21.85 -2.96
CA ASP E 49 -37.18 -22.97 -3.10
C ASP E 49 -35.83 -22.44 -3.57
N ALA E 50 -34.82 -22.57 -2.72
CA ALA E 50 -33.53 -21.94 -2.97
C ALA E 50 -32.42 -22.93 -2.66
N HIS E 51 -31.26 -22.69 -3.28
CA HIS E 51 -30.11 -23.56 -3.15
C HIS E 51 -28.97 -22.94 -2.35
N VAL E 52 -28.64 -21.67 -2.59
CA VAL E 52 -27.49 -21.03 -1.97
C VAL E 52 -27.93 -19.75 -1.29
N LEU E 53 -27.32 -19.46 -0.14
CA LEU E 53 -27.58 -18.24 0.64
C LEU E 53 -26.26 -17.51 0.87
N ILE E 54 -26.13 -16.34 0.27
CA ILE E 54 -24.97 -15.47 0.48
C ILE E 54 -25.33 -14.46 1.55
N THR E 55 -24.59 -14.47 2.66
CA THR E 55 -24.98 -13.63 3.79
C THR E 55 -23.76 -13.13 4.54
N ASP E 56 -23.99 -12.09 5.34
CA ASP E 56 -23.01 -11.53 6.25
C ASP E 56 -23.36 -11.94 7.69
N LEU E 57 -22.38 -11.80 8.59
CA LEU E 57 -22.60 -12.17 9.98
C LEU E 57 -23.43 -11.12 10.72
N SER E 58 -22.90 -9.91 10.84
CA SER E 58 -23.62 -8.83 11.50
C SER E 58 -24.84 -8.46 10.68
N MET E 59 -26.03 -8.53 11.30
CA MET E 59 -27.28 -8.33 10.58
C MET E 59 -28.36 -7.94 11.58
N PRO E 60 -29.19 -6.93 11.27
CA PRO E 60 -30.21 -6.49 12.25
C PRO E 60 -31.31 -7.51 12.45
N GLY E 61 -30.99 -8.62 13.12
CA GLY E 61 -31.98 -9.61 13.47
C GLY E 61 -32.24 -9.66 14.97
N ASP E 62 -33.47 -9.37 15.37
CA ASP E 62 -33.81 -9.30 16.79
C ASP E 62 -34.45 -10.58 17.32
N LYS E 63 -35.18 -11.32 16.50
CA LYS E 63 -35.81 -12.55 16.95
C LYS E 63 -34.90 -13.76 16.72
N TYR E 64 -34.40 -13.93 15.50
CA TYR E 64 -33.51 -15.04 15.18
C TYR E 64 -32.04 -14.68 15.30
N GLY E 65 -31.72 -13.42 15.59
CA GLY E 65 -30.35 -13.04 15.82
C GLY E 65 -29.55 -12.93 14.53
N ASP E 66 -28.22 -12.99 14.69
CA ASP E 66 -27.31 -12.90 13.56
C ASP E 66 -26.01 -13.57 13.95
N GLY E 67 -25.12 -13.71 12.96
CA GLY E 67 -23.84 -14.34 13.21
C GLY E 67 -23.98 -15.82 13.47
N ILE E 68 -23.16 -16.33 14.39
CA ILE E 68 -23.16 -17.76 14.72
C ILE E 68 -24.58 -18.23 15.03
N THR E 69 -25.25 -17.56 15.97
CA THR E 69 -26.61 -17.94 16.36
C THR E 69 -27.54 -18.07 15.16
N LEU E 70 -27.34 -17.26 14.12
CA LEU E 70 -28.18 -17.38 12.93
C LEU E 70 -27.83 -18.64 12.15
N ILE E 71 -26.53 -18.86 11.90
CA ILE E 71 -26.11 -20.03 11.12
C ILE E 71 -26.59 -21.30 11.79
N LYS E 72 -26.29 -21.45 13.08
CA LYS E 72 -26.80 -22.58 13.85
C LYS E 72 -28.27 -22.81 13.61
N TYR E 73 -29.06 -21.73 13.52
CA TYR E 73 -30.49 -21.87 13.26
C TYR E 73 -30.73 -22.43 11.86
N ILE E 74 -30.14 -21.80 10.85
CA ILE E 74 -30.42 -22.18 9.45
C ILE E 74 -30.05 -23.63 9.22
N LYS E 75 -28.80 -23.99 9.52
CA LYS E 75 -28.36 -25.38 9.38
C LYS E 75 -29.25 -26.34 10.16
N ARG E 76 -29.89 -25.87 11.23
CA ARG E 76 -30.76 -26.74 12.01
C ARG E 76 -32.14 -26.87 11.38
N HIS E 77 -32.62 -25.84 10.70
CA HIS E 77 -33.98 -25.82 10.19
C HIS E 77 -34.09 -25.89 8.67
N PHE E 78 -33.01 -25.59 7.95
CA PHE E 78 -32.95 -25.73 6.50
C PHE E 78 -31.66 -26.45 6.14
N PRO E 79 -31.58 -27.75 6.42
CA PRO E 79 -30.32 -28.46 6.21
C PRO E 79 -29.94 -28.60 4.73
N SER E 80 -30.92 -28.67 3.85
CA SER E 80 -30.65 -28.75 2.41
C SER E 80 -30.36 -27.40 1.79
N LEU E 81 -29.57 -26.56 2.46
CA LEU E 81 -29.28 -25.21 2.02
C LEU E 81 -27.79 -24.94 2.17
N SER E 82 -27.14 -24.57 1.07
CA SER E 82 -25.74 -24.20 1.10
C SER E 82 -25.59 -22.74 1.53
N ILE E 83 -24.57 -22.48 2.34
CA ILE E 83 -24.37 -21.16 2.95
C ILE E 83 -23.01 -20.64 2.57
N ILE E 84 -22.98 -19.53 1.83
CA ILE E 84 -21.77 -18.77 1.56
C ILE E 84 -21.82 -17.52 2.42
N VAL E 85 -20.86 -17.40 3.33
CA VAL E 85 -20.76 -16.26 4.23
C VAL E 85 -19.71 -15.31 3.66
N LEU E 86 -20.16 -14.18 3.11
CA LEU E 86 -19.25 -13.10 2.73
C LEU E 86 -19.21 -12.08 3.87
N THR E 87 -18.01 -11.72 4.28
CA THR E 87 -17.81 -10.95 5.50
C THR E 87 -16.87 -9.78 5.27
N MET E 88 -16.95 -8.81 6.18
CA MET E 88 -16.08 -7.65 6.20
C MET E 88 -14.90 -7.84 7.14
N ASN E 89 -15.11 -8.44 8.30
CA ASN E 89 -14.07 -8.59 9.30
C ASN E 89 -13.08 -9.70 8.90
N ASN E 90 -11.84 -9.53 9.36
CA ASN E 90 -10.80 -10.53 9.11
C ASN E 90 -10.27 -11.07 10.45
N ASN E 91 -11.16 -11.62 11.26
CA ASN E 91 -10.77 -12.20 12.55
C ASN E 91 -10.54 -13.68 12.36
N PRO E 92 -9.32 -14.18 12.53
CA PRO E 92 -9.08 -15.62 12.33
C PRO E 92 -9.93 -16.50 13.24
N ALA E 93 -10.09 -16.13 14.50
CA ALA E 93 -10.86 -16.97 15.43
C ALA E 93 -12.33 -16.98 15.07
N ILE E 94 -12.88 -15.83 14.70
CA ILE E 94 -14.30 -15.78 14.32
C ILE E 94 -14.54 -16.57 13.05
N LEU E 95 -13.74 -16.32 12.01
CA LEU E 95 -13.89 -17.05 10.76
C LEU E 95 -13.73 -18.55 10.99
N SER E 96 -12.81 -18.95 11.87
CA SER E 96 -12.64 -20.36 12.18
C SER E 96 -13.90 -20.92 12.84
N ALA E 97 -14.43 -20.21 13.84
CA ALA E 97 -15.66 -20.66 14.48
C ALA E 97 -16.81 -20.74 13.50
N VAL E 98 -16.78 -19.95 12.42
CA VAL E 98 -17.81 -20.06 11.39
C VAL E 98 -17.56 -21.31 10.53
N LEU E 99 -16.31 -21.55 10.15
CA LEU E 99 -16.01 -22.69 9.28
C LEU E 99 -16.24 -24.02 10.01
N ASP E 100 -16.16 -24.02 11.33
CA ASP E 100 -16.42 -25.23 12.11
C ASP E 100 -17.91 -25.54 12.23
N LEU E 101 -18.77 -24.84 11.49
CA LEU E 101 -20.20 -25.12 11.46
C LEU E 101 -20.63 -25.73 10.13
N ASP E 102 -19.68 -26.12 9.28
CA ASP E 102 -19.95 -26.70 7.96
C ASP E 102 -20.72 -25.72 7.07
N ILE E 103 -20.01 -24.67 6.68
CA ILE E 103 -20.51 -23.73 5.67
C ILE E 103 -19.80 -24.03 4.37
N GLU E 104 -20.50 -23.80 3.26
CA GLU E 104 -20.02 -24.20 1.94
C GLU E 104 -19.02 -23.21 1.35
N GLY E 105 -18.44 -22.34 2.16
CA GLY E 105 -17.45 -21.38 1.69
C GLY E 105 -17.59 -20.03 2.38
N ILE E 106 -16.47 -19.31 2.48
CA ILE E 106 -16.42 -18.00 3.09
C ILE E 106 -15.60 -17.08 2.19
N VAL E 107 -16.01 -15.82 2.11
CA VAL E 107 -15.41 -14.86 1.19
C VAL E 107 -15.21 -13.53 1.90
N LEU E 108 -13.98 -13.06 1.98
CA LEU E 108 -13.72 -11.73 2.49
C LEU E 108 -14.21 -10.68 1.49
N LYS E 109 -14.69 -9.55 2.01
CA LYS E 109 -15.07 -8.45 1.15
C LYS E 109 -13.88 -7.68 0.60
N GLN E 110 -12.68 -7.92 1.14
CA GLN E 110 -11.46 -7.28 0.65
C GLN E 110 -10.77 -8.21 -0.34
N GLY E 111 -10.38 -7.66 -1.49
CA GLY E 111 -9.65 -8.44 -2.47
C GLY E 111 -10.41 -9.61 -3.03
N ALA E 112 -11.71 -9.44 -3.27
CA ALA E 112 -12.55 -10.49 -3.85
C ALA E 112 -13.37 -9.95 -5.02
N PRO E 113 -12.72 -9.46 -6.09
CA PRO E 113 -13.48 -9.12 -7.29
C PRO E 113 -13.86 -10.33 -8.10
N THR E 114 -13.13 -11.43 -7.95
CA THR E 114 -13.42 -12.67 -8.64
C THR E 114 -13.55 -13.86 -7.69
N ASP E 115 -13.40 -13.66 -6.38
CA ASP E 115 -13.38 -14.78 -5.45
C ASP E 115 -14.77 -15.36 -5.23
N LEU E 116 -15.78 -14.49 -5.08
CA LEU E 116 -17.14 -14.99 -4.88
C LEU E 116 -17.64 -15.81 -6.06
N PRO E 117 -17.48 -15.37 -7.32
CA PRO E 117 -17.82 -16.29 -8.43
C PRO E 117 -17.01 -17.57 -8.43
N LYS E 118 -15.78 -17.52 -7.92
CA LYS E 118 -14.99 -18.75 -7.80
C LYS E 118 -15.62 -19.71 -6.81
N ALA E 119 -16.11 -19.20 -5.67
CA ALA E 119 -16.77 -20.07 -4.71
C ALA E 119 -18.08 -20.61 -5.26
N LEU E 120 -18.86 -19.75 -5.92
CA LEU E 120 -20.12 -20.22 -6.52
C LEU E 120 -19.85 -21.31 -7.55
N ALA E 121 -18.81 -21.14 -8.36
CA ALA E 121 -18.45 -22.19 -9.31
C ALA E 121 -17.91 -23.43 -8.61
N ALA E 122 -17.34 -23.25 -7.41
CA ALA E 122 -16.88 -24.40 -6.64
C ALA E 122 -18.05 -25.20 -6.08
N LEU E 123 -19.18 -24.53 -5.83
CA LEU E 123 -20.38 -25.26 -5.42
C LEU E 123 -20.96 -26.11 -6.55
N GLN E 124 -20.49 -25.95 -7.78
CA GLN E 124 -20.99 -26.76 -8.88
C GLN E 124 -20.52 -28.21 -8.75
N LYS E 125 -19.25 -28.41 -8.40
CA LYS E 125 -18.67 -29.74 -8.27
C LYS E 125 -18.80 -30.31 -6.86
N GLY E 126 -19.71 -29.78 -6.05
CA GLY E 126 -19.88 -30.25 -4.70
C GLY E 126 -18.68 -30.06 -3.80
N LYS E 127 -17.85 -29.06 -4.09
CA LYS E 127 -16.63 -28.80 -3.33
C LYS E 127 -16.73 -27.47 -2.61
N LYS E 128 -15.95 -27.36 -1.53
CA LYS E 128 -15.83 -26.11 -0.80
C LYS E 128 -14.70 -25.27 -1.36
N PHE E 129 -14.77 -23.96 -1.14
CA PHE E 129 -13.74 -23.05 -1.60
C PHE E 129 -13.43 -22.03 -0.52
N THR E 130 -12.19 -22.07 -0.02
CA THR E 130 -11.68 -21.03 0.86
C THR E 130 -10.47 -20.40 0.17
N PRO E 131 -10.59 -19.18 -0.37
CA PRO E 131 -9.49 -18.60 -1.14
C PRO E 131 -8.22 -18.36 -0.33
N GLU E 132 -7.19 -17.83 -0.99
CA GLU E 132 -5.88 -17.71 -0.36
C GLU E 132 -5.90 -16.76 0.83
N SER E 133 -6.80 -15.78 0.84
CA SER E 133 -6.90 -14.88 1.98
C SER E 133 -7.43 -15.60 3.20
N VAL E 134 -8.48 -16.42 3.02
CA VAL E 134 -9.01 -17.21 4.13
C VAL E 134 -7.94 -18.16 4.66
N SER E 135 -7.22 -18.84 3.76
CA SER E 135 -6.17 -19.76 4.21
C SER E 135 -5.09 -19.01 4.97
N ARG E 136 -4.71 -17.82 4.49
CA ARG E 136 -3.71 -17.04 5.19
C ARG E 136 -4.20 -16.61 6.57
N LEU E 137 -5.50 -16.33 6.70
CA LEU E 137 -6.03 -15.95 8.00
C LEU E 137 -6.10 -17.14 8.95
N LEU E 138 -6.41 -18.32 8.42
CA LEU E 138 -6.44 -19.54 9.22
C LEU E 138 -5.05 -20.09 9.52
N GLU E 139 -4.02 -19.61 8.83
CA GLU E 139 -2.65 -20.09 9.09
C GLU E 139 -2.20 -19.69 10.49
N LYS E 140 -2.62 -18.51 10.96
CA LYS E 140 -2.21 -18.05 12.28
C LYS E 140 -2.80 -18.87 13.40
N ILE E 141 -3.85 -19.65 13.13
CA ILE E 141 -4.48 -20.45 14.17
C ILE E 141 -3.73 -21.76 14.36
N SER E 142 -3.49 -22.50 13.28
CA SER E 142 -2.80 -23.78 13.34
C SER E 142 -1.29 -23.64 13.37
N ALA E 143 -0.77 -22.43 13.54
CA ALA E 143 0.67 -22.20 13.60
C ALA E 143 1.21 -22.53 14.98
N LYS E 149 -5.51 -27.28 20.12
CA LYS E 149 -6.17 -25.99 19.91
C LYS E 149 -7.26 -25.75 20.94
N ARG E 150 -7.31 -26.62 21.95
CA ARG E 150 -8.26 -26.47 23.03
C ARG E 150 -7.71 -25.52 24.10
N LEU E 151 -8.62 -24.96 24.88
CA LEU E 151 -8.26 -24.04 25.97
C LEU E 151 -8.34 -24.76 27.31
N SER E 152 -7.41 -24.45 28.19
CA SER E 152 -7.38 -25.02 29.53
C SER E 152 -8.39 -24.31 30.43
N PRO E 153 -8.75 -24.94 31.56
CA PRO E 153 -9.69 -24.26 32.48
C PRO E 153 -9.16 -22.93 33.00
N LYS E 154 -7.87 -22.86 33.37
CA LYS E 154 -7.31 -21.61 33.86
C LYS E 154 -7.38 -20.52 32.79
N GLU E 155 -6.99 -20.87 31.56
CA GLU E 155 -7.04 -19.89 30.47
C GLU E 155 -8.46 -19.40 30.24
N SER E 156 -9.43 -20.31 30.28
CA SER E 156 -10.82 -19.90 30.08
C SER E 156 -11.31 -19.01 31.22
N GLU E 157 -10.87 -19.28 32.45
CA GLU E 157 -11.25 -18.42 33.57
C GLU E 157 -10.67 -17.02 33.40
N VAL E 158 -9.37 -16.95 33.05
CA VAL E 158 -8.73 -15.65 32.84
C VAL E 158 -9.42 -14.89 31.71
N LEU E 159 -9.80 -15.59 30.65
CA LEU E 159 -10.47 -14.93 29.53
C LEU E 159 -11.87 -14.47 29.92
N ARG E 160 -12.54 -15.21 30.81
CA ARG E 160 -13.85 -14.77 31.30
C ARG E 160 -13.73 -13.50 32.11
N LEU E 161 -12.85 -13.50 33.12
CA LEU E 161 -12.69 -12.32 33.96
C LEU E 161 -12.22 -11.12 33.14
N PHE E 162 -11.31 -11.34 32.18
CA PHE E 162 -10.88 -10.26 31.32
C PHE E 162 -12.01 -9.76 30.43
N ALA E 163 -12.88 -10.67 29.98
CA ALA E 163 -13.99 -10.27 29.13
C ALA E 163 -15.03 -9.46 29.88
N GLU E 164 -15.22 -9.74 31.17
CA GLU E 164 -16.18 -8.97 31.94
C GLU E 164 -15.71 -7.53 32.15
N GLY E 165 -14.40 -7.29 32.12
CA GLY E 165 -13.89 -5.94 32.24
C GLY E 165 -12.82 -5.79 33.30
N PHE E 166 -12.24 -6.89 33.74
CA PHE E 166 -11.19 -6.87 34.76
C PHE E 166 -9.82 -6.75 34.11
N LEU E 167 -8.97 -5.92 34.69
CA LEU E 167 -7.61 -5.78 34.21
C LEU E 167 -6.79 -7.01 34.57
N VAL E 168 -5.59 -7.11 33.98
CA VAL E 168 -4.73 -8.26 34.24
C VAL E 168 -4.30 -8.27 35.71
N THR E 169 -3.93 -7.11 36.25
CA THR E 169 -3.56 -7.03 37.65
C THR E 169 -4.75 -7.37 38.56
N GLU E 170 -5.94 -6.87 38.21
CA GLU E 170 -7.14 -7.20 38.97
C GLU E 170 -7.36 -8.70 39.01
N ILE E 171 -7.24 -9.37 37.85
CA ILE E 171 -7.41 -10.82 37.81
C ILE E 171 -6.33 -11.52 38.64
N ALA E 172 -5.11 -10.97 38.61
CA ALA E 172 -4.04 -11.55 39.41
C ALA E 172 -4.32 -11.46 40.90
N LYS E 173 -4.95 -10.37 41.34
CA LYS E 173 -5.30 -10.26 42.75
C LYS E 173 -6.51 -11.12 43.10
N LYS E 174 -7.46 -11.25 42.18
CA LYS E 174 -8.67 -12.03 42.46
C LYS E 174 -8.40 -13.53 42.47
N LEU E 175 -7.35 -13.99 41.80
CA LEU E 175 -7.02 -15.41 41.75
C LEU E 175 -5.82 -15.77 42.59
N ASN E 176 -5.24 -14.81 43.31
CA ASN E 176 -4.11 -15.04 44.22
C ASN E 176 -2.90 -15.60 43.49
N ARG E 177 -2.73 -15.25 42.22
CA ARG E 177 -1.55 -15.59 41.44
C ARG E 177 -0.74 -14.32 41.21
N SER E 178 0.24 -14.42 40.32
CA SER E 178 1.06 -13.27 39.97
C SER E 178 0.53 -12.59 38.71
N ILE E 179 0.93 -11.34 38.53
CA ILE E 179 0.56 -10.60 37.33
C ILE E 179 1.13 -11.27 36.10
N LYS E 180 2.40 -11.68 36.18
CA LYS E 180 3.08 -12.31 35.06
C LYS E 180 2.46 -13.66 34.70
N THR E 181 1.97 -14.41 35.70
CA THR E 181 1.30 -15.68 35.45
C THR E 181 0.01 -15.48 34.66
N ILE E 182 -0.84 -14.54 35.11
CA ILE E 182 -2.09 -14.26 34.41
C ILE E 182 -1.81 -13.74 33.01
N SER E 183 -0.78 -12.90 32.87
CA SER E 183 -0.41 -12.40 31.54
C SER E 183 -0.01 -13.55 30.62
N SER E 184 0.78 -14.50 31.13
CA SER E 184 1.17 -15.64 30.31
C SER E 184 -0.03 -16.49 29.93
N GLN E 185 -0.92 -16.76 30.90
CA GLN E 185 -2.07 -17.61 30.64
C GLN E 185 -3.04 -16.96 29.65
N LYS E 186 -3.10 -15.63 29.63
CA LYS E 186 -3.94 -14.95 28.65
C LYS E 186 -3.30 -14.94 27.27
N LYS E 187 -2.04 -14.52 27.20
CA LYS E 187 -1.35 -14.42 25.92
C LYS E 187 -1.24 -15.77 25.23
N SER E 188 -1.10 -16.85 26.00
CA SER E 188 -1.07 -18.18 25.40
C SER E 188 -2.42 -18.53 24.78
N ALA E 189 -3.52 -18.18 25.46
CA ALA E 189 -4.84 -18.41 24.90
C ALA E 189 -5.02 -17.64 23.60
N MET E 190 -4.62 -16.36 23.58
CA MET E 190 -4.67 -15.62 22.33
C MET E 190 -3.78 -16.24 21.27
N MET E 191 -2.67 -16.84 21.68
CA MET E 191 -1.78 -17.50 20.71
C MET E 191 -2.43 -18.75 20.13
N LYS E 192 -3.27 -19.43 20.91
CA LYS E 192 -3.95 -20.62 20.41
C LYS E 192 -5.24 -20.30 19.68
N LEU E 193 -5.79 -19.09 19.83
CA LEU E 193 -6.98 -18.70 19.10
C LEU E 193 -6.66 -17.96 17.80
N GLY E 194 -5.39 -17.70 17.51
CA GLY E 194 -5.05 -16.96 16.32
C GLY E 194 -5.36 -15.48 16.38
N VAL E 195 -5.56 -14.95 17.59
CA VAL E 195 -5.88 -13.53 17.81
C VAL E 195 -4.60 -12.79 18.15
N GLU E 196 -4.46 -11.58 17.60
CA GLU E 196 -3.20 -10.83 17.72
C GLU E 196 -3.25 -9.70 18.75
N ASN E 197 -4.42 -9.25 19.17
CA ASN E 197 -4.52 -8.14 20.10
C ASN E 197 -5.78 -8.28 20.94
N ASP E 198 -6.03 -7.27 21.78
CA ASP E 198 -7.15 -7.32 22.72
C ASP E 198 -8.50 -7.09 22.04
N ILE E 199 -8.53 -6.22 21.03
CA ILE E 199 -9.79 -5.88 20.37
C ILE E 199 -10.38 -7.11 19.70
N ALA E 200 -9.59 -7.79 18.87
CA ALA E 200 -10.07 -9.01 18.23
C ALA E 200 -10.39 -10.09 19.26
N LEU E 201 -9.67 -10.11 20.38
CA LEU E 201 -9.98 -11.06 21.44
C LEU E 201 -11.39 -10.86 21.98
N LEU E 202 -11.69 -9.63 22.42
CA LEU E 202 -13.03 -9.34 22.92
C LEU E 202 -14.08 -9.52 21.84
N ASN E 203 -13.72 -9.28 20.57
CA ASN E 203 -14.63 -9.57 19.47
C ASN E 203 -14.99 -11.04 19.43
N TYR E 204 -13.97 -11.91 19.50
CA TYR E 204 -14.24 -13.35 19.50
C TYR E 204 -15.06 -13.76 20.70
N LEU E 205 -14.63 -13.37 21.90
CA LEU E 205 -15.33 -13.77 23.12
C LEU E 205 -16.77 -13.28 23.12
N SER E 206 -17.01 -12.11 22.52
CA SER E 206 -18.39 -11.64 22.39
C SER E 206 -19.16 -12.42 21.33
N SER E 207 -18.46 -12.92 20.30
CA SER E 207 -19.16 -13.62 19.23
C SER E 207 -19.53 -15.05 19.62
N VAL E 208 -18.75 -15.69 20.49
CA VAL E 208 -19.02 -17.06 20.89
C VAL E 208 -19.23 -17.12 22.41
N THR E 209 -20.37 -16.62 22.87
CA THR E 209 -20.70 -16.64 24.29
C THR E 209 -21.38 -17.95 24.69
N ASN F 3 -21.16 17.84 -17.66
CA ASN F 3 -21.24 16.63 -16.86
C ASN F 3 -20.65 16.83 -15.48
N MET F 4 -20.32 15.73 -14.80
CA MET F 4 -19.73 15.78 -13.47
C MET F 4 -18.93 14.52 -13.24
N ASN F 5 -17.65 14.67 -12.93
CA ASN F 5 -16.76 13.54 -12.73
C ASN F 5 -16.68 13.17 -11.25
N VAL F 6 -16.73 11.87 -10.97
CA VAL F 6 -16.71 11.35 -9.61
C VAL F 6 -15.61 10.30 -9.50
N ILE F 7 -15.13 10.13 -8.27
CA ILE F 7 -14.12 9.11 -7.93
C ILE F 7 -14.61 8.35 -6.72
N ILE F 8 -14.61 7.03 -6.81
CA ILE F 8 -15.03 6.15 -5.72
C ILE F 8 -13.80 5.59 -5.04
N ALA F 9 -13.87 5.42 -3.72
CA ALA F 9 -12.72 4.95 -2.93
C ALA F 9 -13.25 4.05 -1.82
N ASP F 10 -12.99 2.75 -1.94
CA ASP F 10 -13.38 1.78 -0.92
C ASP F 10 -12.51 0.55 -1.06
N ASP F 11 -12.18 -0.06 0.07
CA ASP F 11 -11.31 -1.24 0.05
C ASP F 11 -12.06 -2.53 -0.32
N HIS F 12 -13.38 -2.48 -0.44
CA HIS F 12 -14.15 -3.63 -0.89
C HIS F 12 -14.40 -3.50 -2.38
N PRO F 13 -13.78 -4.33 -3.23
CA PRO F 13 -14.03 -4.20 -4.68
C PRO F 13 -15.47 -4.49 -5.06
N ILE F 14 -16.17 -5.32 -4.30
CA ILE F 14 -17.58 -5.57 -4.56
C ILE F 14 -18.39 -4.30 -4.31
N VAL F 15 -18.03 -3.53 -3.29
CA VAL F 15 -18.70 -2.27 -3.03
C VAL F 15 -18.38 -1.26 -4.12
N LEU F 16 -17.12 -1.23 -4.59
CA LEU F 16 -16.77 -0.35 -5.70
C LEU F 16 -17.58 -0.69 -6.95
N PHE F 17 -17.75 -1.99 -7.23
CA PHE F 17 -18.57 -2.40 -8.37
C PHE F 17 -20.02 -1.98 -8.17
N GLY F 18 -20.53 -2.12 -6.95
CA GLY F 18 -21.91 -1.75 -6.69
C GLY F 18 -22.18 -0.27 -6.87
N ILE F 19 -21.32 0.58 -6.28
CA ILE F 19 -21.47 2.02 -6.44
C ILE F 19 -21.27 2.41 -7.89
N ARG F 20 -20.31 1.77 -8.57
CA ARG F 20 -20.05 2.09 -9.97
C ARG F 20 -21.26 1.79 -10.84
N LYS F 21 -21.91 0.65 -10.63
CA LYS F 21 -23.13 0.35 -11.38
C LYS F 21 -24.29 1.23 -10.94
N SER F 22 -24.29 1.66 -9.67
CA SER F 22 -25.37 2.53 -9.20
C SER F 22 -25.27 3.92 -9.81
N LEU F 23 -24.06 4.40 -10.09
CA LEU F 23 -23.90 5.72 -10.66
C LEU F 23 -24.09 5.73 -12.18
N GLU F 24 -23.88 4.59 -12.83
CA GLU F 24 -24.12 4.52 -14.28
C GLU F 24 -25.60 4.58 -14.63
N GLN F 25 -26.49 4.52 -13.64
CA GLN F 25 -27.90 4.80 -13.87
C GLN F 25 -28.14 6.28 -14.17
N ILE F 26 -27.19 7.14 -13.82
CA ILE F 26 -27.32 8.58 -13.99
C ILE F 26 -26.34 9.02 -15.07
N GLU F 27 -26.83 9.76 -16.06
CA GLU F 27 -26.01 10.08 -17.22
C GLU F 27 -25.12 11.30 -16.99
N TRP F 28 -25.53 12.23 -16.12
CA TRP F 28 -24.69 13.38 -15.84
C TRP F 28 -23.58 13.07 -14.85
N VAL F 29 -23.39 11.80 -14.48
CA VAL F 29 -22.29 11.35 -13.63
C VAL F 29 -21.27 10.63 -14.50
N ASN F 30 -20.00 10.88 -14.25
CA ASN F 30 -18.91 10.28 -15.01
C ASN F 30 -17.90 9.69 -14.05
N VAL F 31 -17.88 8.37 -13.93
CA VAL F 31 -16.91 7.68 -13.07
C VAL F 31 -15.56 7.68 -13.79
N VAL F 32 -14.58 8.39 -13.23
CA VAL F 32 -13.27 8.55 -13.84
C VAL F 32 -12.18 7.78 -13.11
N GLY F 33 -12.53 6.96 -12.11
CA GLY F 33 -11.53 6.19 -11.41
C GLY F 33 -11.99 5.58 -10.12
N GLU F 34 -11.61 4.32 -9.88
CA GLU F 34 -11.89 3.64 -8.63
C GLU F 34 -10.57 3.25 -7.98
N PHE F 35 -10.51 3.34 -6.65
CA PHE F 35 -9.29 3.04 -5.92
C PHE F 35 -9.63 2.35 -4.61
N GLU F 36 -8.67 1.57 -4.10
CA GLU F 36 -8.87 0.79 -2.90
C GLU F 36 -7.98 1.23 -1.73
N ASP F 37 -7.14 2.24 -1.93
CA ASP F 37 -6.29 2.75 -0.86
C ASP F 37 -5.97 4.21 -1.15
N SER F 38 -5.66 4.94 -0.07
CA SER F 38 -5.43 6.38 -0.20
C SER F 38 -4.14 6.69 -0.96
N THR F 39 -3.12 5.84 -0.82
CA THR F 39 -1.86 6.07 -1.51
C THR F 39 -2.05 6.13 -3.02
N ALA F 40 -2.84 5.20 -3.57
CA ALA F 40 -3.15 5.22 -4.99
C ALA F 40 -4.14 6.33 -5.36
N LEU F 41 -4.95 6.79 -4.40
CA LEU F 41 -5.91 7.84 -4.69
C LEU F 41 -5.23 9.18 -4.86
N ILE F 42 -4.35 9.55 -3.93
CA ILE F 42 -3.71 10.86 -3.97
C ILE F 42 -2.79 10.96 -5.19
N ASN F 43 -2.13 9.85 -5.54
CA ASN F 43 -1.23 9.86 -6.69
C ASN F 43 -1.97 10.03 -8.01
N ASN F 44 -3.28 9.77 -8.04
CA ASN F 44 -4.07 9.89 -9.25
C ASN F 44 -5.07 11.05 -9.20
N LEU F 45 -5.16 11.76 -8.08
CA LEU F 45 -6.06 12.91 -8.02
C LEU F 45 -5.69 14.02 -9.01
N PRO F 46 -4.44 14.49 -9.08
CA PRO F 46 -4.14 15.58 -10.01
C PRO F 46 -4.18 15.16 -11.47
N LYS F 47 -4.03 13.86 -11.77
CA LYS F 47 -4.04 13.42 -13.16
C LYS F 47 -5.45 13.38 -13.74
N LEU F 48 -6.47 13.36 -12.89
CA LEU F 48 -7.86 13.30 -13.33
C LEU F 48 -8.58 14.57 -12.91
N ASP F 49 -9.12 15.29 -13.89
CA ASP F 49 -9.92 16.48 -13.60
C ASP F 49 -11.27 16.05 -13.02
N ALA F 50 -11.31 15.83 -11.71
CA ALA F 50 -12.49 15.32 -11.04
C ALA F 50 -13.23 16.41 -10.28
N HIS F 51 -14.51 16.17 -10.04
CA HIS F 51 -15.38 17.09 -9.31
C HIS F 51 -15.78 16.58 -7.94
N VAL F 52 -16.14 15.31 -7.82
CA VAL F 52 -16.67 14.74 -6.59
C VAL F 52 -15.84 13.54 -6.19
N LEU F 53 -15.74 13.32 -4.88
CA LEU F 53 -15.06 12.15 -4.33
C LEU F 53 -16.01 11.42 -3.38
N ILE F 54 -16.23 10.14 -3.64
CA ILE F 54 -17.03 9.28 -2.78
C ILE F 54 -16.09 8.30 -2.11
N THR F 55 -16.05 8.32 -0.78
CA THR F 55 -15.04 7.56 -0.05
C THR F 55 -15.63 7.02 1.26
N ASP F 56 -14.92 6.06 1.83
CA ASP F 56 -15.20 5.51 3.15
C ASP F 56 -14.16 6.03 4.13
N LEU F 57 -14.48 5.95 5.42
CA LEU F 57 -13.57 6.45 6.44
C LEU F 57 -12.36 5.53 6.59
N SER F 58 -12.58 4.23 6.67
CA SER F 58 -11.50 3.27 6.83
C SER F 58 -10.88 2.97 5.47
N MET F 59 -9.57 3.16 5.36
CA MET F 59 -8.83 2.96 4.12
C MET F 59 -7.45 2.43 4.44
N PRO F 60 -6.94 1.46 3.67
CA PRO F 60 -5.64 0.85 4.01
C PRO F 60 -4.45 1.78 3.84
N GLY F 61 -4.60 2.92 3.17
CA GLY F 61 -3.48 3.79 2.88
C GLY F 61 -2.64 4.21 4.07
N ASP F 62 -1.33 4.03 3.97
CA ASP F 62 -0.41 4.33 5.06
C ASP F 62 0.30 5.66 4.90
N LYS F 63 0.63 6.07 3.68
CA LYS F 63 1.35 7.32 3.48
C LYS F 63 0.50 8.53 3.85
N TYR F 64 -0.77 8.51 3.46
CA TYR F 64 -1.67 9.64 3.70
C TYR F 64 -2.76 9.32 4.72
N GLY F 65 -2.81 8.08 5.21
CA GLY F 65 -3.76 7.74 6.25
C GLY F 65 -5.17 7.52 5.73
N ASP F 66 -6.12 7.67 6.64
CA ASP F 66 -7.54 7.48 6.31
C ASP F 66 -8.38 8.23 7.33
N GLY F 67 -9.68 8.31 7.05
CA GLY F 67 -10.59 8.95 7.97
C GLY F 67 -10.44 10.47 7.96
N ILE F 68 -10.67 11.07 9.13
CA ILE F 68 -10.60 12.53 9.26
C ILE F 68 -9.26 13.05 8.77
N THR F 69 -8.16 12.41 9.20
CA THR F 69 -6.82 12.83 8.79
C THR F 69 -6.69 12.87 7.28
N LEU F 70 -7.37 11.98 6.58
CA LEU F 70 -7.35 12.01 5.12
C LEU F 70 -8.14 13.20 4.59
N ILE F 71 -9.35 13.41 5.12
CA ILE F 71 -10.21 14.49 4.64
C ILE F 71 -9.52 15.83 4.80
N LYS F 72 -9.03 16.11 6.02
CA LYS F 72 -8.27 17.34 6.25
C LYS F 72 -7.13 17.52 5.26
N TYR F 73 -6.55 16.42 4.78
CA TYR F 73 -5.53 16.52 3.75
C TYR F 73 -6.14 16.96 2.42
N ILE F 74 -7.19 16.25 1.97
CA ILE F 74 -7.77 16.52 0.67
C ILE F 74 -8.40 17.92 0.64
N LYS F 75 -8.98 18.34 1.76
CA LYS F 75 -9.52 19.70 1.83
C LYS F 75 -8.41 20.75 1.77
N ARG F 76 -7.20 20.40 2.20
CA ARG F 76 -6.11 21.36 2.26
C ARG F 76 -5.30 21.43 0.98
N HIS F 77 -5.19 20.33 0.24
CA HIS F 77 -4.40 20.30 -0.99
C HIS F 77 -5.24 20.26 -2.25
N PHE F 78 -6.52 19.90 -2.16
CA PHE F 78 -7.45 19.94 -3.29
C PHE F 78 -8.71 20.67 -2.86
N PRO F 79 -8.63 21.99 -2.68
CA PRO F 79 -9.81 22.73 -2.19
C PRO F 79 -10.97 22.71 -3.17
N SER F 80 -10.70 22.66 -4.47
CA SER F 80 -11.76 22.63 -5.48
C SER F 80 -12.31 21.23 -5.72
N LEU F 81 -12.52 20.47 -4.64
CA LEU F 81 -12.98 19.09 -4.75
C LEU F 81 -14.07 18.85 -3.71
N SER F 82 -15.24 18.41 -4.18
CA SER F 82 -16.33 18.07 -3.29
C SER F 82 -16.15 16.64 -2.76
N ILE F 83 -16.44 16.45 -1.48
CA ILE F 83 -16.22 15.17 -0.81
C ILE F 83 -17.54 14.69 -0.23
N ILE F 84 -17.95 13.49 -0.62
CA ILE F 84 -19.10 12.80 -0.04
C ILE F 84 -18.55 11.55 0.65
N VAL F 85 -18.56 11.54 1.97
CA VAL F 85 -18.15 10.35 2.70
C VAL F 85 -19.32 9.37 2.79
N LEU F 86 -19.04 8.09 2.57
CA LEU F 86 -20.04 7.04 2.59
C LEU F 86 -19.53 6.00 3.57
N THR F 87 -20.07 6.01 4.79
CA THR F 87 -19.46 5.31 5.90
C THR F 87 -20.30 4.11 6.33
N MET F 88 -19.73 3.36 7.27
CA MET F 88 -20.29 2.10 7.76
C MET F 88 -20.98 2.24 9.11
N ASN F 89 -20.32 2.85 10.08
CA ASN F 89 -20.74 2.76 11.47
C ASN F 89 -21.83 3.77 11.79
N ASN F 90 -22.54 3.50 12.89
CA ASN F 90 -23.50 4.42 13.50
C ASN F 90 -22.99 4.69 14.91
N ASN F 91 -22.01 5.58 15.02
CA ASN F 91 -21.46 5.98 16.30
C ASN F 91 -21.61 7.49 16.45
N PRO F 92 -22.46 7.97 17.36
CA PRO F 92 -22.77 9.41 17.39
C PRO F 92 -21.55 10.31 17.55
N ALA F 93 -20.55 9.87 18.32
CA ALA F 93 -19.37 10.72 18.53
C ALA F 93 -18.53 10.82 17.26
N ILE F 94 -18.08 9.68 16.74
CA ILE F 94 -17.24 9.67 15.54
C ILE F 94 -17.97 10.34 14.39
N LEU F 95 -19.22 9.94 14.15
CA LEU F 95 -20.01 10.56 13.09
C LEU F 95 -20.17 12.05 13.31
N SER F 96 -20.31 12.49 14.57
CA SER F 96 -20.41 13.92 14.84
C SER F 96 -19.15 14.65 14.42
N ALA F 97 -18.00 14.20 14.91
CA ALA F 97 -16.74 14.85 14.54
C ALA F 97 -16.51 14.80 13.03
N VAL F 98 -17.05 13.79 12.36
CA VAL F 98 -16.96 13.76 10.89
C VAL F 98 -17.88 14.82 10.29
N LEU F 99 -19.08 14.97 10.83
CA LEU F 99 -20.01 15.98 10.30
C LEU F 99 -19.47 17.39 10.46
N ASP F 100 -18.72 17.65 11.55
CA ASP F 100 -18.18 18.99 11.77
C ASP F 100 -16.91 19.28 10.98
N LEU F 101 -16.84 18.86 9.71
CA LEU F 101 -15.65 19.05 8.90
C LEU F 101 -15.94 19.78 7.58
N ASP F 102 -17.17 20.24 7.37
CA ASP F 102 -17.57 20.93 6.14
C ASP F 102 -17.31 20.06 4.91
N ILE F 103 -18.11 19.00 4.80
CA ILE F 103 -18.09 18.11 3.66
C ILE F 103 -19.41 18.25 2.92
N GLU F 104 -19.43 17.76 1.69
CA GLU F 104 -20.56 17.98 0.79
C GLU F 104 -21.65 16.94 0.91
N GLY F 105 -21.60 16.09 1.92
CA GLY F 105 -22.65 15.11 2.13
C GLY F 105 -22.13 13.86 2.83
N ILE F 106 -23.03 13.19 3.54
CA ILE F 106 -22.73 11.95 4.25
C ILE F 106 -23.76 10.92 3.84
N VAL F 107 -23.30 9.71 3.53
CA VAL F 107 -24.19 8.61 3.15
C VAL F 107 -23.82 7.41 4.02
N LEU F 108 -24.74 7.01 4.89
CA LEU F 108 -24.60 5.75 5.61
C LEU F 108 -24.78 4.59 4.65
N LYS F 109 -24.10 3.47 4.96
CA LYS F 109 -24.22 2.30 4.10
C LYS F 109 -25.52 1.52 4.34
N GLN F 110 -26.22 1.79 5.45
CA GLN F 110 -27.46 1.10 5.76
C GLN F 110 -28.65 2.00 5.42
N GLY F 111 -29.69 1.41 4.86
CA GLY F 111 -30.87 2.17 4.47
C GLY F 111 -30.59 3.24 3.44
N ALA F 112 -29.73 2.93 2.46
CA ALA F 112 -29.33 3.91 1.46
C ALA F 112 -29.49 3.38 0.03
N PRO F 113 -30.70 2.94 -0.36
CA PRO F 113 -30.89 2.53 -1.75
C PRO F 113 -31.11 3.70 -2.69
N THR F 114 -31.58 4.84 -2.18
CA THR F 114 -31.88 6.01 -3.00
C THR F 114 -31.19 7.29 -2.54
N ASP F 115 -30.73 7.38 -1.30
CA ASP F 115 -30.24 8.65 -0.77
C ASP F 115 -28.82 8.98 -1.20
N LEU F 116 -28.07 8.01 -1.75
CA LEU F 116 -26.77 8.36 -2.32
C LEU F 116 -26.92 9.17 -3.61
N PRO F 117 -27.73 8.75 -4.59
CA PRO F 117 -28.03 9.66 -5.69
C PRO F 117 -28.76 10.93 -5.25
N LYS F 118 -29.42 10.89 -4.09
CA LYS F 118 -30.03 12.10 -3.56
C LYS F 118 -28.98 13.09 -3.06
N ALA F 119 -27.89 12.58 -2.48
CA ALA F 119 -26.80 13.46 -2.07
C ALA F 119 -26.03 13.97 -3.28
N LEU F 120 -25.75 13.08 -4.24
CA LEU F 120 -25.10 13.53 -5.47
C LEU F 120 -25.95 14.57 -6.17
N ALA F 121 -27.28 14.42 -6.13
CA ALA F 121 -28.16 15.45 -6.67
C ALA F 121 -28.16 16.70 -5.78
N ALA F 122 -27.89 16.54 -4.49
CA ALA F 122 -27.76 17.68 -3.60
C ALA F 122 -26.50 18.47 -3.87
N LEU F 123 -25.50 17.86 -4.50
CA LEU F 123 -24.33 18.61 -4.93
C LEU F 123 -24.61 19.52 -6.12
N GLN F 124 -25.73 19.33 -6.80
CA GLN F 124 -26.06 20.19 -7.94
C GLN F 124 -26.33 21.61 -7.48
N LYS F 125 -27.00 21.76 -6.34
CA LYS F 125 -27.31 23.08 -5.78
C LYS F 125 -26.43 23.33 -4.56
N GLY F 126 -25.12 23.46 -4.83
CA GLY F 126 -24.13 23.73 -3.81
C GLY F 126 -24.40 25.03 -3.08
N LYS F 127 -24.76 24.91 -1.81
CA LYS F 127 -25.17 26.06 -1.02
C LYS F 127 -24.02 26.49 -0.12
N LYS F 128 -24.30 27.45 0.75
CA LYS F 128 -23.31 27.97 1.70
C LYS F 128 -23.19 27.03 2.90
N GLU F 132 -25.18 22.51 4.81
CA GLU F 132 -25.33 21.31 3.99
C GLU F 132 -26.75 20.77 4.10
N SER F 133 -27.07 19.76 3.28
CA SER F 133 -28.39 19.17 3.24
C SER F 133 -28.43 17.80 3.90
N VAL F 134 -27.69 16.83 3.38
CA VAL F 134 -27.72 15.48 3.92
C VAL F 134 -27.07 15.44 5.31
N SER F 135 -25.97 16.19 5.48
CA SER F 135 -25.34 16.28 6.79
C SER F 135 -26.27 16.94 7.81
N ARG F 136 -27.10 17.89 7.36
CA ARG F 136 -28.08 18.48 8.26
C ARG F 136 -29.24 17.52 8.53
N LEU F 137 -29.59 16.70 7.55
CA LEU F 137 -30.63 15.68 7.77
C LEU F 137 -30.16 14.66 8.80
N LEU F 138 -28.89 14.28 8.74
CA LEU F 138 -28.31 13.40 9.74
C LEU F 138 -27.96 14.13 11.04
N GLU F 139 -27.96 15.47 11.02
CA GLU F 139 -27.56 16.21 12.21
C GLU F 139 -28.65 16.19 13.29
N LYS F 140 -29.92 16.22 12.88
CA LYS F 140 -31.02 16.27 13.84
C LYS F 140 -31.26 14.93 14.53
N ILE F 141 -30.48 13.90 14.22
CA ILE F 141 -30.63 12.60 14.87
C ILE F 141 -29.81 12.57 16.16
N ASP F 148 -25.18 14.36 22.43
CA ASP F 148 -24.99 14.93 23.77
C ASP F 148 -23.63 15.61 23.87
N LYS F 149 -22.67 14.91 24.45
CA LYS F 149 -21.31 15.43 24.58
C LYS F 149 -20.49 15.08 23.35
N ARG F 150 -19.86 16.07 22.75
CA ARG F 150 -19.15 15.90 21.49
C ARG F 150 -17.71 15.47 21.71
N LEU F 151 -17.12 14.90 20.67
CA LEU F 151 -15.71 14.57 20.63
C LEU F 151 -14.99 15.48 19.64
N SER F 152 -13.71 15.72 19.90
CA SER F 152 -12.90 16.48 18.97
C SER F 152 -12.51 15.61 17.79
N PRO F 153 -12.08 16.22 16.67
CA PRO F 153 -11.65 15.40 15.52
C PRO F 153 -10.53 14.44 15.88
N LYS F 154 -9.52 14.89 16.61
CA LYS F 154 -8.40 14.02 16.97
C LYS F 154 -8.87 12.86 17.85
N GLU F 155 -9.65 13.17 18.90
CA GLU F 155 -10.17 12.13 19.76
C GLU F 155 -10.99 11.11 18.98
N SER F 156 -11.86 11.59 18.09
CA SER F 156 -12.68 10.69 17.29
C SER F 156 -11.83 9.81 16.38
N GLU F 157 -10.78 10.38 15.79
CA GLU F 157 -9.90 9.58 14.94
C GLU F 157 -9.18 8.50 15.75
N VAL F 158 -8.66 8.88 16.93
CA VAL F 158 -7.97 7.92 17.78
C VAL F 158 -8.91 6.80 18.20
N LEU F 159 -10.16 7.14 18.53
CA LEU F 159 -11.10 6.11 18.94
C LEU F 159 -11.50 5.22 17.78
N ARG F 160 -11.57 5.79 16.57
CA ARG F 160 -11.92 4.97 15.41
C ARG F 160 -10.81 3.98 15.08
N LEU F 161 -9.55 4.43 15.10
CA LEU F 161 -8.45 3.50 14.86
C LEU F 161 -8.32 2.49 15.99
N PHE F 162 -8.62 2.89 17.22
CA PHE F 162 -8.53 1.95 18.34
C PHE F 162 -9.62 0.88 18.26
N ALA F 163 -10.81 1.25 17.79
CA ALA F 163 -11.88 0.28 17.66
C ALA F 163 -11.58 -0.74 16.57
N GLU F 164 -10.83 -0.35 15.54
CA GLU F 164 -10.45 -1.26 14.47
C GLU F 164 -9.36 -2.25 14.89
N GLY F 165 -8.80 -2.09 16.09
CA GLY F 165 -7.80 -3.01 16.60
C GLY F 165 -6.39 -2.46 16.68
N PHE F 166 -6.17 -1.22 16.26
CA PHE F 166 -4.83 -0.64 16.31
C PHE F 166 -4.46 -0.28 17.74
N LEU F 167 -3.26 -0.68 18.16
CA LEU F 167 -2.78 -0.34 19.49
C LEU F 167 -2.44 1.15 19.57
N VAL F 168 -2.19 1.61 20.80
CA VAL F 168 -1.87 3.03 21.01
C VAL F 168 -0.58 3.39 20.29
N THR F 169 0.44 2.55 20.42
CA THR F 169 1.70 2.80 19.73
C THR F 169 1.51 2.78 18.22
N GLU F 170 0.69 1.85 17.73
CA GLU F 170 0.41 1.78 16.29
C GLU F 170 -0.25 3.06 15.80
N ILE F 171 -1.27 3.53 16.53
CA ILE F 171 -1.95 4.76 16.15
C ILE F 171 -0.99 5.94 16.18
N ALA F 172 -0.12 5.99 17.20
CA ALA F 172 0.88 7.06 17.26
C ALA F 172 1.85 6.98 16.10
N LYS F 173 2.10 5.77 15.58
CA LYS F 173 2.98 5.65 14.42
C LYS F 173 2.27 6.08 13.13
N LYS F 174 0.99 5.75 13.00
CA LYS F 174 0.27 6.08 11.77
C LYS F 174 -0.03 7.57 11.63
N LEU F 175 0.08 8.34 12.71
CA LEU F 175 -0.23 9.76 12.69
C LEU F 175 0.99 10.63 12.91
N ASN F 176 2.19 10.05 12.98
CA ASN F 176 3.43 10.78 13.22
C ASN F 176 3.32 11.61 14.51
N ARG F 177 2.68 11.04 15.51
CA ARG F 177 2.44 11.69 16.78
C ARG F 177 3.33 11.08 17.86
N SER F 178 3.15 11.56 19.09
CA SER F 178 3.80 10.98 20.26
C SER F 178 2.83 10.01 20.93
N ILE F 179 3.40 9.01 21.61
CA ILE F 179 2.57 8.03 22.31
C ILE F 179 1.81 8.70 23.45
N LYS F 180 2.46 9.65 24.12
CA LYS F 180 1.80 10.40 25.19
C LYS F 180 0.63 11.22 24.65
N THR F 181 0.76 11.76 23.44
CA THR F 181 -0.31 12.54 22.84
C THR F 181 -1.54 11.68 22.56
N ILE F 182 -1.34 10.54 21.89
CA ILE F 182 -2.46 9.67 21.57
C ILE F 182 -3.08 9.11 22.84
N SER F 183 -2.24 8.79 23.84
CA SER F 183 -2.75 8.33 25.12
C SER F 183 -3.62 9.39 25.79
N SER F 184 -3.19 10.65 25.73
CA SER F 184 -3.98 11.72 26.32
C SER F 184 -5.28 11.92 25.56
N GLN F 185 -5.23 11.88 24.23
CA GLN F 185 -6.42 12.11 23.43
C GLN F 185 -7.44 10.98 23.58
N LYS F 186 -6.97 9.76 23.82
CA LYS F 186 -7.89 8.66 24.08
C LYS F 186 -8.46 8.74 25.50
N LYS F 187 -7.58 8.93 26.49
CA LYS F 187 -8.02 8.97 27.88
C LYS F 187 -9.03 10.10 28.11
N SER F 188 -8.79 11.27 27.50
CA SER F 188 -9.73 12.37 27.62
C SER F 188 -11.08 12.00 27.02
N ALA F 189 -11.08 11.31 25.88
CA ALA F 189 -12.33 10.88 25.28
C ALA F 189 -13.08 9.93 26.21
N MET F 190 -12.37 8.99 26.85
CA MET F 190 -13.03 8.13 27.82
C MET F 190 -13.59 8.95 28.98
N MET F 191 -12.88 10.01 29.38
CA MET F 191 -13.38 10.87 30.44
C MET F 191 -14.62 11.63 30.01
N LYS F 192 -14.76 11.91 28.72
CA LYS F 192 -15.93 12.61 28.21
C LYS F 192 -17.10 11.68 27.91
N LEU F 193 -16.85 10.39 27.76
CA LEU F 193 -17.93 9.43 27.55
C LEU F 193 -18.39 8.74 28.83
N GLY F 194 -17.81 9.09 29.98
CA GLY F 194 -18.17 8.44 31.21
C GLY F 194 -17.78 6.98 31.28
N VAL F 195 -16.74 6.59 30.55
CA VAL F 195 -16.29 5.21 30.45
C VAL F 195 -15.01 5.06 31.25
N GLU F 196 -14.89 3.95 31.98
CA GLU F 196 -13.79 3.74 32.91
C GLU F 196 -12.67 2.88 32.35
N ASN F 197 -12.96 1.94 31.45
CA ASN F 197 -11.93 1.05 30.93
C ASN F 197 -12.23 0.74 29.48
N ASP F 198 -11.38 -0.13 28.89
CA ASP F 198 -11.47 -0.39 27.45
C ASP F 198 -12.68 -1.25 27.11
N ILE F 199 -13.01 -2.21 27.97
CA ILE F 199 -14.14 -3.11 27.70
C ILE F 199 -15.44 -2.30 27.59
N ALA F 200 -15.69 -1.42 28.57
CA ALA F 200 -16.85 -0.56 28.51
C ALA F 200 -16.78 0.41 27.33
N LEU F 201 -15.57 0.78 26.92
CA LEU F 201 -15.41 1.66 25.76
C LEU F 201 -15.94 0.98 24.50
N LEU F 202 -15.39 -0.20 24.19
CA LEU F 202 -15.87 -0.92 23.01
C LEU F 202 -17.33 -1.33 23.15
N ASN F 203 -17.80 -1.54 24.38
CA ASN F 203 -19.22 -1.78 24.58
C ASN F 203 -20.05 -0.55 24.22
N TYR F 204 -19.52 0.65 24.48
CA TYR F 204 -20.23 1.87 24.11
C TYR F 204 -20.22 2.07 22.60
N LEU F 205 -19.04 1.98 21.98
CA LEU F 205 -18.93 2.21 20.55
C LEU F 205 -19.73 1.17 19.78
N SER F 206 -19.80 -0.07 20.28
CA SER F 206 -20.60 -1.08 19.63
C SER F 206 -22.09 -0.88 19.89
N SER F 207 -22.44 -0.40 21.09
CA SER F 207 -23.85 -0.23 21.44
C SER F 207 -24.49 0.92 20.69
N VAL F 208 -23.98 2.12 20.87
CA VAL F 208 -24.53 3.25 20.20
C VAL F 208 -24.62 3.05 18.68
#